data_4CLD
#
_entry.id   4CLD
#
_cell.length_a   74.769
_cell.length_b   90.056
_cell.length_c   82.747
_cell.angle_alpha   90.00
_cell.angle_beta   115.75
_cell.angle_gamma   90.00
#
_symmetry.space_group_name_H-M   'P 1 21 1'
#
loop_
_entity.id
_entity.type
_entity.pdbx_description
1 polymer 'PTERIDINE REDUCTASE 1'
2 non-polymer 'NADP NICOTINAMIDE-ADENINE-DINUCLEOTIDE PHOSPHATE'
3 non-polymer 2-amino-4-thiomorpholino-7H-pyrrolo[2,3-d]pyrimidine-5-carbonitrile
4 non-polymer 'ACETATE ION'
5 water water
#
_entity_poly.entity_id   1
_entity_poly.type   'polypeptide(L)'
_entity_poly.pdbx_seq_one_letter_code
;MGSSHHHHHHSSGLVPRGSHMEAPAAVVTGAAKRIGRAIAVKLHQTGYRVVIHYHNSAEAAVSLADELNKERSNTAVVCQ
ADLTNSNVLPASCEEIINSCFRAFGRCDVLVNNASAFYPTPLVQGDHEDNSNGKTVETQVAELIGTNAIAPFLLTMSFAQ
RQKGTNPNCTSSNLSIVNLCDAMVDQPCMAFSLYNMGKHALVGLTQSAALELAPYGIRVNGVAPGVSLLPVAMGEEEKDK
WRRKVPLGRREASAEQIADAVIFLVSGSAQYITGSIIKVDGGLSLVHA
;
_entity_poly.pdbx_strand_id   A,B,C,D
#
loop_
_chem_comp.id
_chem_comp.type
_chem_comp.name
_chem_comp.formula
ACT non-polymer 'ACETATE ION' 'C2 H3 O2 -1'
JUO non-polymer 2-amino-4-thiomorpholino-7H-pyrrolo[2,3-d]pyrimidine-5-carbonitrile 'C11 H12 N6 S'
NAP non-polymer 'NADP NICOTINAMIDE-ADENINE-DINUCLEOTIDE PHOSPHATE' 'C21 H28 N7 O17 P3'
#
# COMPACT_ATOMS: atom_id res chain seq x y z
N GLU A 22 35.22 -20.09 -9.52
CA GLU A 22 34.05 -21.03 -9.57
C GLU A 22 32.74 -20.24 -9.78
N ALA A 23 31.90 -20.77 -10.64
CA ALA A 23 30.68 -20.09 -11.02
C ALA A 23 29.63 -20.26 -9.90
N PRO A 24 28.81 -19.22 -9.66
CA PRO A 24 27.71 -19.42 -8.74
C PRO A 24 26.63 -20.34 -9.30
N ALA A 25 25.72 -20.76 -8.42
CA ALA A 25 24.68 -21.70 -8.81
C ALA A 25 23.31 -21.21 -8.34
N ALA A 26 22.29 -21.48 -9.17
CA ALA A 26 20.92 -21.05 -8.87
C ALA A 26 19.91 -22.20 -9.00
N VAL A 27 18.86 -22.20 -8.17
CA VAL A 27 17.68 -23.07 -8.33
C VAL A 27 16.56 -22.21 -8.85
N VAL A 28 15.92 -22.65 -9.94
CA VAL A 28 14.71 -22.00 -10.45
C VAL A 28 13.61 -23.05 -10.41
N THR A 29 12.54 -22.77 -9.66
CA THR A 29 11.39 -23.68 -9.61
C THR A 29 10.47 -23.47 -10.82
N GLY A 30 9.87 -24.54 -11.28
CA GLY A 30 9.00 -24.45 -12.47
C GLY A 30 9.68 -23.89 -13.72
N ALA A 31 10.88 -24.39 -14.01
CA ALA A 31 11.80 -23.80 -14.98
C ALA A 31 11.78 -24.46 -16.36
N ALA A 32 10.88 -25.41 -16.58
CA ALA A 32 10.89 -26.13 -17.84
C ALA A 32 10.45 -25.26 -18.98
N LYS A 33 9.62 -24.25 -18.70
CA LYS A 33 9.12 -23.44 -19.79
C LYS A 33 8.66 -22.06 -19.37
N ARG A 34 8.22 -21.28 -20.35
CA ARG A 34 7.59 -19.98 -20.09
C ARG A 34 8.53 -19.09 -19.27
N ILE A 35 8.04 -18.39 -18.24
CA ILE A 35 8.88 -17.48 -17.48
C ILE A 35 10.04 -18.16 -16.71
N GLY A 36 9.79 -19.31 -16.10
CA GLY A 36 10.85 -19.99 -15.38
C GLY A 36 12.01 -20.40 -16.27
N ARG A 37 11.69 -20.82 -17.51
CA ARG A 37 12.75 -21.15 -18.46
C ARG A 37 13.53 -19.93 -18.81
N ALA A 38 12.84 -18.81 -19.03
CA ALA A 38 13.51 -17.58 -19.42
C ALA A 38 14.45 -17.11 -18.31
N ILE A 39 14.04 -17.27 -17.04
CA ILE A 39 14.89 -16.92 -15.91
C ILE A 39 16.12 -17.84 -15.88
N ALA A 40 15.92 -19.15 -16.06
CA ALA A 40 17.06 -20.06 -15.97
C ALA A 40 18.05 -19.78 -17.10
N VAL A 41 17.51 -19.49 -18.29
CA VAL A 41 18.35 -19.18 -19.45
C VAL A 41 19.15 -17.94 -19.22
N LYS A 42 18.52 -16.87 -18.74
CA LYS A 42 19.26 -15.65 -18.44
C LYS A 42 20.31 -15.80 -17.32
N LEU A 43 19.98 -16.53 -16.28
CA LEU A 43 20.94 -16.77 -15.23
C LEU A 43 22.11 -17.54 -15.82
N HIS A 44 21.81 -18.53 -16.66
CA HIS A 44 22.88 -19.33 -17.25
C HIS A 44 23.79 -18.45 -18.14
N GLN A 45 23.18 -17.59 -18.96
CA GLN A 45 23.92 -16.61 -19.81
C GLN A 45 24.78 -15.62 -19.03
N THR A 46 24.41 -15.36 -17.78
CA THR A 46 25.12 -14.48 -16.87
C THR A 46 26.24 -15.23 -16.15
N GLY A 47 26.30 -16.55 -16.28
CA GLY A 47 27.39 -17.35 -15.76
C GLY A 47 27.06 -18.29 -14.61
N TYR A 48 25.78 -18.35 -14.24
CA TYR A 48 25.33 -19.34 -13.25
C TYR A 48 25.24 -20.75 -13.79
N ARG A 49 25.50 -21.69 -12.90
CA ARG A 49 25.07 -23.07 -13.05
C ARG A 49 23.63 -23.12 -12.49
N VAL A 50 22.76 -23.92 -13.12
CA VAL A 50 21.33 -23.87 -12.81
C VAL A 50 20.73 -25.26 -12.52
N VAL A 51 19.88 -25.32 -11.49
CA VAL A 51 18.99 -26.45 -11.26
C VAL A 51 17.65 -26.10 -11.84
N ILE A 52 17.23 -26.90 -12.81
CA ILE A 52 15.95 -26.74 -13.52
C ILE A 52 14.91 -27.64 -12.82
N HIS A 53 14.19 -27.06 -11.86
CA HIS A 53 13.11 -27.81 -11.23
C HIS A 53 11.89 -27.89 -12.13
N TYR A 54 11.22 -29.03 -12.10
CA TYR A 54 10.00 -29.22 -12.87
C TYR A 54 9.11 -30.21 -12.10
N HIS A 55 7.84 -30.24 -12.46
CA HIS A 55 6.87 -31.17 -11.87
C HIS A 55 6.44 -32.20 -12.94
N ASN A 56 5.57 -31.80 -13.85
CA ASN A 56 5.13 -32.69 -14.92
C ASN A 56 5.92 -32.57 -16.23
N SER A 57 6.62 -31.45 -16.45
CA SER A 57 7.19 -31.16 -17.78
C SER A 57 8.59 -31.72 -17.94
N ALA A 58 8.71 -33.04 -17.94
CA ALA A 58 10.03 -33.68 -17.98
C ALA A 58 10.78 -33.49 -19.29
N GLU A 59 10.07 -33.66 -20.40
CA GLU A 59 10.68 -33.54 -21.72
C GLU A 59 11.26 -32.14 -21.94
N ALA A 60 10.44 -31.12 -21.63
CA ALA A 60 10.87 -29.74 -21.77
C ALA A 60 12.07 -29.47 -20.87
N ALA A 61 12.00 -29.99 -19.65
CA ALA A 61 13.07 -29.76 -18.65
C ALA A 61 14.40 -30.36 -19.12
N VAL A 62 14.35 -31.61 -19.58
CA VAL A 62 15.54 -32.26 -20.09
C VAL A 62 16.08 -31.57 -21.35
N SER A 63 15.18 -31.12 -22.23
CA SER A 63 15.54 -30.43 -23.46
C SER A 63 16.29 -29.12 -23.16
N LEU A 64 15.80 -28.39 -22.16
CA LEU A 64 16.49 -27.20 -21.66
C LEU A 64 17.88 -27.50 -21.06
N ALA A 65 17.98 -28.48 -20.18
CA ALA A 65 19.25 -28.85 -19.59
C ALA A 65 20.26 -29.19 -20.70
N ASP A 66 19.80 -29.91 -21.72
CA ASP A 66 20.64 -30.27 -22.88
C ASP A 66 21.19 -29.06 -23.61
N GLU A 67 20.30 -28.13 -23.97
CA GLU A 67 20.71 -26.89 -24.61
C GLU A 67 21.77 -26.16 -23.79
N LEU A 68 21.50 -25.98 -22.49
CA LEU A 68 22.44 -25.27 -21.62
C LEU A 68 23.75 -26.01 -21.45
N ASN A 69 23.71 -27.32 -21.24
CA ASN A 69 24.95 -28.09 -21.21
C ASN A 69 25.75 -28.15 -22.54
N LYS A 70 25.07 -28.11 -23.66
CA LYS A 70 25.77 -28.01 -24.95
C LYS A 70 26.51 -26.69 -25.05
N GLU A 71 25.99 -25.66 -24.40
CA GLU A 71 26.65 -24.35 -24.35
C GLU A 71 27.87 -24.37 -23.43
N ARG A 72 27.73 -24.92 -22.22
CA ARG A 72 28.81 -25.05 -21.24
C ARG A 72 28.63 -26.34 -20.50
N SER A 73 29.59 -27.27 -20.62
CA SER A 73 29.44 -28.60 -20.01
C SER A 73 29.27 -28.59 -18.50
N ASN A 74 28.39 -29.47 -18.01
CA ASN A 74 28.14 -29.67 -16.59
C ASN A 74 27.70 -28.39 -15.87
N THR A 75 26.82 -27.63 -16.50
CA THR A 75 26.30 -26.40 -15.88
C THR A 75 24.78 -26.37 -15.62
N ALA A 76 24.08 -27.45 -15.97
CA ALA A 76 22.62 -27.54 -15.74
C ALA A 76 22.21 -28.96 -15.40
N VAL A 77 21.35 -29.11 -14.40
CA VAL A 77 20.75 -30.38 -14.05
C VAL A 77 19.25 -30.12 -13.82
N VAL A 78 18.46 -31.16 -13.97
CA VAL A 78 17.03 -31.09 -13.69
C VAL A 78 16.74 -31.69 -12.31
N CYS A 79 15.59 -31.36 -11.72
CA CYS A 79 15.23 -31.88 -10.41
C CYS A 79 13.70 -31.90 -10.34
N GLN A 80 13.14 -33.10 -10.20
CA GLN A 80 11.70 -33.28 -10.19
C GLN A 80 11.15 -33.18 -8.78
N ALA A 81 10.06 -32.42 -8.64
CA ALA A 81 9.29 -32.40 -7.38
C ALA A 81 7.89 -31.81 -7.53
N ASP A 82 6.92 -32.46 -6.90
CA ASP A 82 5.63 -31.87 -6.59
C ASP A 82 5.75 -30.85 -5.48
N LEU A 83 5.24 -29.64 -5.67
CA LEU A 83 5.27 -28.62 -4.62
C LEU A 83 3.90 -28.35 -4.00
N THR A 84 2.98 -29.27 -4.21
CA THR A 84 1.70 -29.30 -3.46
C THR A 84 1.99 -29.47 -1.97
N ASN A 85 1.23 -28.77 -1.14
CA ASN A 85 1.49 -28.92 0.29
C ASN A 85 1.10 -30.33 0.75
N SER A 86 1.94 -30.91 1.60
CA SER A 86 1.69 -32.18 2.26
C SER A 86 2.65 -32.33 3.42
N ASN A 87 2.52 -33.41 4.21
CA ASN A 87 3.50 -33.64 5.29
C ASN A 87 4.96 -33.93 4.82
N VAL A 88 5.15 -34.25 3.55
CA VAL A 88 6.50 -34.48 3.03
CA VAL A 88 6.47 -34.52 2.97
C VAL A 88 7.01 -33.32 2.20
N LEU A 89 6.21 -32.25 2.06
CA LEU A 89 6.72 -31.09 1.29
C LEU A 89 8.04 -30.56 1.89
N PRO A 90 8.16 -30.48 3.22
CA PRO A 90 9.47 -30.01 3.73
C PRO A 90 10.69 -30.85 3.25
N ALA A 91 10.54 -32.18 3.28
CA ALA A 91 11.56 -33.05 2.76
C ALA A 91 11.80 -32.84 1.25
N SER A 92 10.75 -32.67 0.47
CA SER A 92 10.90 -32.35 -0.96
C SER A 92 11.69 -31.05 -1.24
N CYS A 93 11.41 -30.00 -0.47
CA CYS A 93 12.09 -28.71 -0.62
C CYS A 93 13.55 -28.78 -0.17
N GLU A 94 13.79 -29.49 0.91
CA GLU A 94 15.17 -29.73 1.35
C GLU A 94 15.93 -30.42 0.22
N GLU A 95 15.31 -31.41 -0.42
CA GLU A 95 15.99 -32.18 -1.46
C GLU A 95 16.30 -31.34 -2.71
N ILE A 96 15.44 -30.37 -3.05
CA ILE A 96 15.70 -29.46 -4.16
C ILE A 96 16.97 -28.64 -3.88
N ILE A 97 17.07 -28.10 -2.68
CA ILE A 97 18.27 -27.34 -2.33
C ILE A 97 19.45 -28.30 -2.34
N ASN A 98 19.25 -29.47 -1.76
CA ASN A 98 20.37 -30.46 -1.66
C ASN A 98 20.83 -30.86 -3.03
N SER A 99 19.92 -30.94 -3.99
CA SER A 99 20.28 -31.22 -5.38
C SER A 99 21.22 -30.18 -6.00
N CYS A 100 21.04 -28.90 -5.64
CA CYS A 100 21.97 -27.88 -6.12
C CYS A 100 23.37 -28.08 -5.49
N PHE A 101 23.42 -28.32 -4.18
CA PHE A 101 24.72 -28.61 -3.54
C PHE A 101 25.37 -29.90 -4.09
N ARG A 102 24.59 -30.92 -4.39
CA ARG A 102 25.15 -32.17 -4.93
C ARG A 102 25.79 -31.96 -6.32
N ALA A 103 25.09 -31.21 -7.16
CA ALA A 103 25.51 -30.95 -8.50
C ALA A 103 26.69 -29.99 -8.55
N PHE A 104 26.64 -28.92 -7.75
CA PHE A 104 27.48 -27.73 -7.98
C PHE A 104 28.30 -27.27 -6.79
N GLY A 105 28.05 -27.83 -5.62
CA GLY A 105 28.83 -27.54 -4.40
C GLY A 105 28.50 -26.26 -3.70
N ARG A 106 27.45 -25.59 -4.16
CA ARG A 106 26.98 -24.33 -3.53
C ARG A 106 25.58 -24.02 -4.04
N CYS A 107 24.96 -23.01 -3.44
CA CYS A 107 23.65 -22.56 -3.90
C CYS A 107 23.50 -21.06 -3.55
N ASP A 108 23.66 -20.21 -4.53
CA ASP A 108 23.76 -18.75 -4.30
C ASP A 108 22.42 -18.05 -4.46
N VAL A 109 21.57 -18.63 -5.32
CA VAL A 109 20.33 -17.98 -5.73
C VAL A 109 19.18 -18.98 -5.77
N LEU A 110 18.03 -18.55 -5.22
CA LEU A 110 16.76 -19.30 -5.28
C LEU A 110 15.71 -18.41 -5.93
N VAL A 111 15.09 -18.88 -7.01
CA VAL A 111 13.96 -18.24 -7.65
C VAL A 111 12.70 -19.10 -7.50
N ASN A 112 11.74 -18.56 -6.74
CA ASN A 112 10.45 -19.20 -6.50
C ASN A 112 9.48 -18.76 -7.58
N ASN A 113 9.43 -19.55 -8.65
CA ASN A 113 8.62 -19.28 -9.82
C ASN A 113 7.43 -20.21 -10.00
N ALA A 114 7.57 -21.49 -9.62
CA ALA A 114 6.51 -22.50 -9.80
C ALA A 114 5.17 -22.04 -9.19
N SER A 115 4.06 -22.23 -9.90
CA SER A 115 2.80 -21.69 -9.39
C SER A 115 1.62 -22.41 -10.01
N ALA A 116 0.68 -22.86 -9.17
CA ALA A 116 -0.63 -23.27 -9.67
C ALA A 116 -1.52 -22.04 -9.83
N PHE A 117 -2.37 -22.00 -10.88
CA PHE A 117 -3.19 -20.83 -11.17
C PHE A 117 -4.51 -21.29 -11.81
N TYR A 118 -5.60 -21.24 -11.05
CA TYR A 118 -6.93 -21.60 -11.55
C TYR A 118 -8.00 -21.09 -10.58
N PRO A 119 -9.24 -20.91 -11.08
CA PRO A 119 -10.30 -20.32 -10.26
C PRO A 119 -10.78 -21.25 -9.14
N THR A 120 -11.25 -20.65 -8.06
CA THR A 120 -11.90 -21.37 -6.94
C THR A 120 -13.08 -20.52 -6.49
N PRO A 121 -14.21 -20.58 -7.25
CA PRO A 121 -15.40 -19.78 -6.91
C PRO A 121 -15.88 -20.02 -5.49
N LEU A 122 -16.24 -18.92 -4.83
CA LEU A 122 -16.75 -18.99 -3.46
C LEU A 122 -18.19 -19.54 -3.39
N VAL A 123 -18.96 -19.32 -4.45
CA VAL A 123 -20.34 -19.86 -4.55
C VAL A 123 -20.45 -20.73 -5.80
N GLN A 124 -21.09 -21.88 -5.66
CA GLN A 124 -21.20 -22.89 -6.73
C GLN A 124 -22.48 -23.70 -6.64
N GLY A 133 -14.08 -32.02 -10.36
CA GLY A 133 -12.74 -32.55 -10.15
C GLY A 133 -12.26 -32.41 -8.73
N LYS A 134 -11.40 -31.42 -8.49
CA LYS A 134 -10.60 -31.41 -7.28
C LYS A 134 -11.41 -31.07 -6.04
N THR A 135 -11.13 -31.76 -4.95
CA THR A 135 -11.68 -31.39 -3.63
C THR A 135 -11.11 -30.03 -3.25
N VAL A 136 -11.83 -29.32 -2.38
CA VAL A 136 -11.36 -28.01 -1.98
C VAL A 136 -10.01 -28.10 -1.24
N GLU A 137 -9.82 -29.18 -0.49
CA GLU A 137 -8.57 -29.30 0.25
C GLU A 137 -7.40 -29.53 -0.69
N THR A 138 -7.65 -30.18 -1.83
CA THR A 138 -6.63 -30.33 -2.86
C THR A 138 -6.32 -28.96 -3.48
N GLN A 139 -7.35 -28.16 -3.73
CA GLN A 139 -7.16 -26.80 -4.25
C GLN A 139 -6.33 -25.94 -3.27
N VAL A 140 -6.61 -26.06 -1.98
CA VAL A 140 -5.82 -25.38 -0.96
C VAL A 140 -4.35 -25.85 -1.00
N ALA A 141 -4.16 -27.15 -0.99
CA ALA A 141 -2.82 -27.70 -0.98
C ALA A 141 -2.03 -27.25 -2.20
N GLU A 142 -2.65 -27.28 -3.39
CA GLU A 142 -1.95 -26.84 -4.62
C GLU A 142 -1.71 -25.33 -4.72
N LEU A 143 -2.77 -24.54 -4.49
CA LEU A 143 -2.71 -23.11 -4.72
C LEU A 143 -1.90 -22.47 -3.62
N ILE A 144 -2.17 -22.83 -2.38
CA ILE A 144 -1.39 -22.29 -1.29
C ILE A 144 0.00 -22.96 -1.16
N GLY A 145 0.09 -24.26 -1.44
CA GLY A 145 1.37 -24.94 -1.46
C GLY A 145 2.39 -24.40 -2.42
N THR A 146 2.04 -24.33 -3.71
CA THR A 146 2.97 -23.88 -4.70
C THR A 146 3.28 -22.42 -4.55
N ASN A 147 2.27 -21.60 -4.27
CA ASN A 147 2.50 -20.16 -4.26
C ASN A 147 3.09 -19.60 -2.98
N ALA A 148 3.01 -20.33 -1.88
CA ALA A 148 3.41 -19.78 -0.58
C ALA A 148 4.15 -20.75 0.36
N ILE A 149 3.62 -21.95 0.58
CA ILE A 149 4.27 -22.86 1.51
C ILE A 149 5.59 -23.43 1.01
N ALA A 150 5.63 -23.87 -0.24
CA ALA A 150 6.90 -24.30 -0.82
C ALA A 150 7.97 -23.20 -0.87
N PRO A 151 7.63 -21.96 -1.30
CA PRO A 151 8.60 -20.86 -1.14
C PRO A 151 9.12 -20.72 0.27
N PHE A 152 8.24 -20.88 1.27
CA PHE A 152 8.63 -20.75 2.65
C PHE A 152 9.63 -21.85 3.03
N LEU A 153 9.31 -23.09 2.69
CA LEU A 153 10.17 -24.20 3.04
C LEU A 153 11.49 -24.18 2.26
N LEU A 154 11.41 -23.85 0.97
CA LEU A 154 12.63 -23.65 0.15
C LEU A 154 13.53 -22.56 0.75
N THR A 155 12.91 -21.47 1.24
CA THR A 155 13.65 -20.41 1.88
C THR A 155 14.35 -20.91 3.16
N MET A 156 13.65 -21.66 4.01
CA MET A 156 14.24 -22.24 5.24
C MET A 156 15.45 -23.12 4.87
N SER A 157 15.28 -23.99 3.88
CA SER A 157 16.34 -24.96 3.51
C SER A 157 17.55 -24.25 2.90
N PHE A 158 17.27 -23.24 2.09
CA PHE A 158 18.28 -22.41 1.42
C PHE A 158 19.10 -21.73 2.48
N ALA A 159 18.45 -21.10 3.47
CA ALA A 159 19.17 -20.39 4.54
C ALA A 159 19.99 -21.34 5.44
N GLN A 160 19.38 -22.47 5.78
CA GLN A 160 20.00 -23.47 6.66
C GLN A 160 21.29 -24.07 6.08
N ARG A 161 21.37 -24.18 4.77
CA ARG A 161 22.53 -24.80 4.07
C ARG A 161 23.70 -23.86 3.84
N GLN A 162 23.57 -22.59 4.16
CA GLN A 162 24.67 -21.63 4.00
C GLN A 162 25.65 -21.73 5.19
N SER A 171 32.41 -10.52 -1.88
CA SER A 171 32.66 -11.83 -2.47
C SER A 171 31.34 -12.55 -2.78
N SER A 172 30.60 -12.89 -1.74
CA SER A 172 29.34 -13.65 -1.90
C SER A 172 28.13 -12.73 -2.13
N ASN A 173 27.14 -13.22 -2.89
CA ASN A 173 25.95 -12.44 -3.16
C ASN A 173 24.76 -13.38 -3.16
N LEU A 174 24.30 -13.73 -1.98
CA LEU A 174 23.20 -14.69 -1.82
C LEU A 174 21.86 -13.97 -1.90
N SER A 175 20.94 -14.51 -2.68
CA SER A 175 19.59 -13.92 -2.71
C SER A 175 18.51 -14.86 -3.20
N ILE A 176 17.31 -14.44 -2.88
CA ILE A 176 16.09 -15.15 -3.21
C ILE A 176 15.20 -14.15 -3.95
N VAL A 177 14.59 -14.61 -5.04
CA VAL A 177 13.62 -13.83 -5.79
C VAL A 177 12.29 -14.65 -5.88
N ASN A 178 11.21 -14.01 -5.45
CA ASN A 178 9.86 -14.59 -5.47
C ASN A 178 9.05 -13.98 -6.59
N LEU A 179 8.43 -14.82 -7.41
CA LEU A 179 7.58 -14.32 -8.51
C LEU A 179 6.19 -14.04 -7.94
N CYS A 180 5.87 -12.76 -7.83
CA CYS A 180 4.66 -12.27 -7.17
C CYS A 180 3.60 -11.97 -8.24
N ASP A 181 2.75 -10.98 -8.03
CA ASP A 181 1.67 -10.68 -8.98
C ASP A 181 1.34 -9.23 -8.78
N ALA A 182 1.48 -8.43 -9.83
CA ALA A 182 1.28 -7.00 -9.72
C ALA A 182 -0.17 -6.63 -9.44
N MET A 183 -1.10 -7.54 -9.79
CA MET A 183 -2.52 -7.35 -9.58
C MET A 183 -3.03 -7.98 -8.29
N VAL A 184 -2.13 -8.19 -7.32
CA VAL A 184 -2.50 -8.82 -6.05
C VAL A 184 -3.59 -8.07 -5.28
N ASP A 185 -3.68 -6.75 -5.42
CA ASP A 185 -4.77 -5.97 -4.81
C ASP A 185 -5.92 -5.61 -5.76
N GLN A 186 -5.87 -6.12 -6.99
CA GLN A 186 -6.98 -5.96 -7.94
C GLN A 186 -7.18 -7.33 -8.63
N PRO A 187 -7.62 -8.32 -7.87
CA PRO A 187 -7.51 -9.70 -8.32
C PRO A 187 -8.54 -10.10 -9.39
N CYS A 188 -8.26 -11.19 -10.11
CA CYS A 188 -9.23 -11.80 -11.02
C CYS A 188 -10.41 -12.32 -10.22
N MET A 189 -11.60 -12.13 -10.77
CA MET A 189 -12.82 -12.60 -10.17
C MET A 189 -12.79 -14.12 -9.99
N ALA A 190 -13.18 -14.59 -8.81
CA ALA A 190 -13.25 -16.04 -8.46
C ALA A 190 -11.90 -16.78 -8.29
N PHE A 191 -10.81 -16.03 -8.08
CA PHE A 191 -9.49 -16.57 -7.79
C PHE A 191 -9.04 -16.38 -6.35
N SER A 192 -9.96 -16.60 -5.41
CA SER A 192 -9.70 -16.34 -3.99
C SER A 192 -8.43 -17.01 -3.48
N LEU A 193 -8.35 -18.34 -3.67
CA LEU A 193 -7.22 -19.10 -3.09
C LEU A 193 -5.88 -18.75 -3.78
N TYR A 194 -5.86 -18.62 -5.10
CA TYR A 194 -4.68 -18.12 -5.78
C TYR A 194 -4.24 -16.77 -5.22
N ASN A 195 -5.18 -15.84 -5.11
CA ASN A 195 -4.85 -14.51 -4.58
C ASN A 195 -4.34 -14.58 -3.15
N MET A 196 -4.94 -15.44 -2.32
CA MET A 196 -4.46 -15.59 -0.94
C MET A 196 -3.00 -16.08 -0.93
N GLY A 197 -2.70 -16.99 -1.84
CA GLY A 197 -1.35 -17.53 -1.95
C GLY A 197 -0.33 -16.49 -2.39
N LYS A 198 -0.68 -15.64 -3.38
CA LYS A 198 0.22 -14.57 -3.78
C LYS A 198 0.36 -13.48 -2.72
N HIS A 199 -0.71 -13.21 -1.98
CA HIS A 199 -0.57 -12.31 -0.84
C HIS A 199 0.34 -12.86 0.23
N ALA A 200 0.19 -14.14 0.55
CA ALA A 200 1.08 -14.78 1.54
C ALA A 200 2.52 -14.67 1.08
N LEU A 201 2.72 -14.74 -0.22
CA LEU A 201 4.07 -14.68 -0.78
C LEU A 201 4.69 -13.30 -0.61
N VAL A 202 3.87 -12.26 -0.66
CA VAL A 202 4.34 -10.91 -0.32
C VAL A 202 4.78 -10.92 1.14
N GLY A 203 3.96 -11.52 2.01
CA GLY A 203 4.34 -11.59 3.41
C GLY A 203 5.66 -12.31 3.67
N LEU A 204 5.86 -13.43 3.00
CA LEU A 204 7.09 -14.18 3.11
C LEU A 204 8.29 -13.33 2.65
N THR A 205 8.11 -12.66 1.52
CA THR A 205 9.17 -11.84 0.93
C THR A 205 9.64 -10.83 1.95
N GLN A 206 8.69 -10.17 2.61
CA GLN A 206 9.01 -9.19 3.61
C GLN A 206 9.58 -9.79 4.93
N SER A 207 8.89 -10.80 5.47
CA SER A 207 9.34 -11.48 6.66
C SER A 207 10.71 -12.08 6.47
N ALA A 208 10.92 -12.76 5.34
CA ALA A 208 12.22 -13.41 5.09
C ALA A 208 13.34 -12.37 4.88
N ALA A 209 13.03 -11.26 4.21
CA ALA A 209 14.02 -10.22 4.04
C ALA A 209 14.52 -9.72 5.41
N LEU A 210 13.58 -9.49 6.34
CA LEU A 210 13.88 -9.02 7.70
CA LEU A 210 13.93 -9.01 7.68
C LEU A 210 14.78 -10.00 8.45
N GLU A 211 14.34 -11.26 8.46
CA GLU A 211 14.97 -12.30 9.25
C GLU A 211 16.32 -12.77 8.72
N LEU A 212 16.48 -12.79 7.41
CA LEU A 212 17.70 -13.24 6.76
C LEU A 212 18.70 -12.15 6.40
N ALA A 213 18.32 -10.88 6.61
CA ALA A 213 19.27 -9.79 6.38
C ALA A 213 20.60 -9.96 7.14
N PRO A 214 20.54 -10.39 8.41
CA PRO A 214 21.81 -10.54 9.15
C PRO A 214 22.74 -11.65 8.64
N TYR A 215 22.21 -12.60 7.86
CA TYR A 215 22.98 -13.64 7.18
C TYR A 215 23.42 -13.19 5.79
N GLY A 216 23.10 -11.95 5.40
CA GLY A 216 23.49 -11.46 4.09
C GLY A 216 22.69 -12.09 2.95
N ILE A 217 21.54 -12.70 3.25
CA ILE A 217 20.66 -13.18 2.22
C ILE A 217 19.56 -12.10 1.97
N ARG A 218 19.57 -11.55 0.76
CA ARG A 218 18.54 -10.59 0.29
C ARG A 218 17.32 -11.38 -0.23
N VAL A 219 16.12 -10.83 0.01
CA VAL A 219 14.88 -11.49 -0.41
C VAL A 219 14.01 -10.46 -1.10
N ASN A 220 13.73 -10.65 -2.37
CA ASN A 220 13.01 -9.63 -3.15
C ASN A 220 11.99 -10.30 -4.02
N GLY A 221 11.13 -9.52 -4.63
CA GLY A 221 10.21 -10.05 -5.61
C GLY A 221 10.12 -9.32 -6.93
N VAL A 222 9.60 -10.06 -7.91
CA VAL A 222 9.26 -9.52 -9.25
C VAL A 222 7.80 -9.84 -9.47
N ALA A 223 7.04 -8.81 -9.83
CA ALA A 223 5.57 -8.91 -9.95
C ALA A 223 5.09 -8.60 -11.38
N PRO A 224 4.87 -9.66 -12.20
CA PRO A 224 4.31 -9.45 -13.51
C PRO A 224 2.86 -8.98 -13.42
N GLY A 225 2.41 -8.25 -14.46
CA GLY A 225 1.00 -8.00 -14.65
C GLY A 225 0.43 -9.01 -15.63
N VAL A 226 0.39 -8.62 -16.88
CA VAL A 226 0.11 -9.57 -17.99
C VAL A 226 1.46 -9.86 -18.62
N SER A 227 1.89 -11.10 -18.51
CA SER A 227 3.04 -11.58 -19.25
C SER A 227 2.50 -12.72 -20.14
N LEU A 228 3.25 -13.80 -20.27
CA LEU A 228 2.83 -14.83 -21.20
C LEU A 228 1.44 -15.30 -20.82
N LEU A 229 0.50 -15.22 -21.75
CA LEU A 229 -0.84 -15.62 -21.44
C LEU A 229 -0.97 -17.15 -21.34
N PRO A 230 -1.93 -17.64 -20.54
CA PRO A 230 -2.14 -19.06 -20.35
C PRO A 230 -2.32 -19.75 -21.71
N VAL A 231 -1.69 -20.92 -21.86
CA VAL A 231 -1.81 -21.72 -23.09
C VAL A 231 -3.27 -21.98 -23.44
N ALA A 232 -4.10 -22.22 -22.43
CA ALA A 232 -5.52 -22.50 -22.65
C ALA A 232 -6.34 -21.30 -23.14
N MET A 233 -5.80 -20.09 -23.03
CA MET A 233 -6.52 -18.90 -23.46
C MET A 233 -6.52 -18.75 -25.00
N GLY A 234 -7.71 -18.52 -25.55
CA GLY A 234 -7.86 -18.21 -26.99
C GLY A 234 -7.36 -16.82 -27.32
N GLU A 235 -7.05 -16.56 -28.59
CA GLU A 235 -6.42 -15.29 -28.96
C GLU A 235 -7.29 -14.06 -28.64
N GLU A 236 -8.60 -14.20 -28.74
CA GLU A 236 -9.49 -13.06 -28.49
C GLU A 236 -9.42 -12.62 -27.01
N GLU A 237 -9.44 -13.60 -26.12
CA GLU A 237 -9.36 -13.34 -24.68
C GLU A 237 -7.95 -12.80 -24.35
N LYS A 238 -6.92 -13.34 -24.99
CA LYS A 238 -5.57 -12.76 -24.88
C LYS A 238 -5.58 -11.27 -25.25
N ASP A 239 -6.20 -10.92 -26.39
CA ASP A 239 -6.22 -9.52 -26.86
C ASP A 239 -6.97 -8.59 -25.92
N LYS A 240 -8.03 -9.08 -25.27
CA LYS A 240 -8.71 -8.28 -24.24
C LYS A 240 -7.74 -7.87 -23.10
N TRP A 241 -6.91 -8.79 -22.65
CA TRP A 241 -5.92 -8.49 -21.60
C TRP A 241 -4.82 -7.57 -22.11
N ARG A 242 -4.27 -7.88 -23.30
CA ARG A 242 -3.30 -6.99 -23.93
C ARG A 242 -3.76 -5.57 -24.06
N ARG A 243 -5.01 -5.36 -24.47
CA ARG A 243 -5.52 -4.03 -24.64
C ARG A 243 -5.63 -3.20 -23.36
N LYS A 244 -5.57 -3.83 -22.21
CA LYS A 244 -5.61 -3.14 -20.92
C LYS A 244 -4.27 -2.43 -20.58
N VAL A 245 -3.17 -2.78 -21.25
CA VAL A 245 -1.81 -2.38 -20.79
C VAL A 245 -1.43 -1.05 -21.41
N PRO A 246 -1.27 -0.01 -20.58
CA PRO A 246 -0.92 1.31 -21.11
C PRO A 246 0.35 1.33 -21.94
N LEU A 247 1.42 0.66 -21.48
CA LEU A 247 2.70 0.68 -22.17
C LEU A 247 2.75 -0.39 -23.29
N GLY A 248 2.19 -0.01 -24.44
CA GLY A 248 2.31 -0.79 -25.65
C GLY A 248 1.19 -1.77 -25.95
N ARG A 249 0.18 -1.84 -25.07
CA ARG A 249 -0.99 -2.71 -25.30
C ARG A 249 -0.59 -4.13 -25.67
N ARG A 250 0.41 -4.64 -24.95
CA ARG A 250 0.96 -5.96 -25.17
CA ARG A 250 0.90 -6.00 -25.15
C ARG A 250 1.45 -6.53 -23.84
N GLU A 251 1.53 -7.86 -23.74
CA GLU A 251 2.04 -8.55 -22.55
C GLU A 251 3.53 -8.43 -22.45
N ALA A 252 4.09 -8.50 -21.23
CA ALA A 252 5.52 -8.62 -21.05
C ALA A 252 6.02 -9.93 -21.67
N SER A 253 7.11 -9.88 -22.41
CA SER A 253 7.84 -11.10 -22.79
C SER A 253 8.41 -11.79 -21.57
N ALA A 254 8.66 -13.09 -21.68
CA ALA A 254 9.31 -13.79 -20.61
C ALA A 254 10.68 -13.18 -20.31
N GLU A 255 11.38 -12.74 -21.34
CA GLU A 255 12.68 -12.14 -21.13
C GLU A 255 12.58 -10.85 -20.31
N GLN A 256 11.56 -10.05 -20.57
CA GLN A 256 11.36 -8.83 -19.79
C GLN A 256 11.20 -9.11 -18.29
N ILE A 257 10.45 -10.16 -17.96
CA ILE A 257 10.36 -10.60 -16.56
C ILE A 257 11.74 -11.02 -16.00
N ALA A 258 12.45 -11.86 -16.77
CA ALA A 258 13.74 -12.40 -16.37
C ALA A 258 14.74 -11.26 -16.16
N ASP A 259 14.65 -10.18 -16.94
CA ASP A 259 15.57 -9.03 -16.80
C ASP A 259 15.51 -8.46 -15.38
N ALA A 260 14.31 -8.43 -14.77
CA ALA A 260 14.15 -7.84 -13.47
C ALA A 260 14.73 -8.76 -12.38
N VAL A 261 14.58 -10.07 -12.60
CA VAL A 261 15.19 -11.09 -11.75
C VAL A 261 16.72 -10.94 -11.75
N ILE A 262 17.30 -10.83 -12.95
CA ILE A 262 18.75 -10.71 -13.12
C ILE A 262 19.29 -9.49 -12.41
N PHE A 263 18.56 -8.39 -12.48
CA PHE A 263 18.92 -7.19 -11.74
C PHE A 263 18.97 -7.46 -10.24
N LEU A 264 17.88 -8.03 -9.71
CA LEU A 264 17.80 -8.22 -8.27
C LEU A 264 18.88 -9.17 -7.74
N VAL A 265 19.31 -10.15 -8.54
CA VAL A 265 20.35 -11.04 -8.09
C VAL A 265 21.75 -10.43 -8.26
N SER A 266 21.85 -9.44 -9.14
CA SER A 266 23.15 -8.81 -9.44
C SER A 266 23.78 -8.01 -8.30
N GLY A 267 25.03 -7.61 -8.52
CA GLY A 267 25.75 -6.70 -7.64
C GLY A 267 25.21 -5.29 -7.65
N SER A 268 24.41 -4.98 -8.66
CA SER A 268 23.76 -3.71 -8.79
C SER A 268 22.54 -3.54 -7.87
N ALA A 269 22.20 -4.58 -7.12
CA ALA A 269 21.04 -4.57 -6.23
C ALA A 269 21.46 -4.98 -4.83
N GLN A 270 22.74 -4.81 -4.47
CA GLN A 270 23.22 -5.36 -3.21
C GLN A 270 22.74 -4.66 -1.93
N TYR A 271 22.12 -3.50 -2.03
CA TYR A 271 21.44 -2.90 -0.87
C TYR A 271 19.91 -3.11 -0.88
N ILE A 272 19.38 -3.79 -1.89
CA ILE A 272 17.91 -3.97 -2.09
C ILE A 272 17.50 -5.28 -1.43
N THR A 273 16.61 -5.18 -0.46
CA THR A 273 16.01 -6.36 0.17
C THR A 273 14.61 -5.98 0.65
N GLY A 274 13.69 -6.93 0.49
CA GLY A 274 12.26 -6.72 0.75
C GLY A 274 11.50 -5.89 -0.26
N SER A 275 12.06 -5.69 -1.43
CA SER A 275 11.45 -4.92 -2.50
C SER A 275 10.78 -5.83 -3.51
N ILE A 276 9.60 -5.40 -3.96
CA ILE A 276 8.86 -6.10 -4.99
C ILE A 276 8.79 -5.16 -6.16
N ILE A 277 9.45 -5.53 -7.24
CA ILE A 277 9.43 -4.75 -8.47
C ILE A 277 8.31 -5.19 -9.41
N LYS A 278 7.37 -4.27 -9.68
CA LYS A 278 6.33 -4.53 -10.69
C LYS A 278 6.97 -4.45 -12.10
N VAL A 279 6.64 -5.43 -12.94
CA VAL A 279 7.01 -5.40 -14.36
C VAL A 279 5.68 -5.58 -15.11
N ASP A 280 4.91 -4.50 -15.15
CA ASP A 280 3.51 -4.57 -15.57
C ASP A 280 3.03 -3.55 -16.61
N GLY A 281 3.92 -2.73 -17.13
CA GLY A 281 3.56 -1.80 -18.21
C GLY A 281 2.50 -0.79 -17.80
N GLY A 282 2.38 -0.54 -16.50
CA GLY A 282 1.39 0.37 -15.94
C GLY A 282 0.04 -0.26 -15.60
N LEU A 283 -0.13 -1.55 -15.84
CA LEU A 283 -1.46 -2.22 -15.68
C LEU A 283 -2.14 -1.94 -14.34
N SER A 284 -1.38 -2.04 -13.25
CA SER A 284 -1.90 -1.91 -11.90
C SER A 284 -2.41 -0.51 -11.58
N LEU A 285 -2.06 0.45 -12.37
CA LEU A 285 -2.46 1.81 -12.17
C LEU A 285 -3.77 2.15 -12.88
N VAL A 286 -4.27 1.24 -13.70
CA VAL A 286 -5.46 1.52 -14.52
C VAL A 286 -6.75 1.24 -13.75
N HIS A 287 -7.59 2.24 -13.62
CA HIS A 287 -8.88 2.03 -12.94
C HIS A 287 -9.82 1.19 -13.75
N ALA A 288 -10.84 0.68 -13.07
CA ALA A 288 -11.92 -0.04 -13.68
C ALA A 288 -12.54 0.72 -14.85
N GLU B 22 24.13 8.45 -32.22
CA GLU B 22 24.54 9.55 -31.32
C GLU B 22 24.27 9.12 -29.86
N ALA B 23 24.94 9.77 -28.93
CA ALA B 23 24.81 9.37 -27.52
C ALA B 23 23.52 9.99 -26.95
N PRO B 24 22.80 9.23 -26.10
CA PRO B 24 21.62 9.83 -25.50
C PRO B 24 21.99 10.86 -24.43
N ALA B 25 21.00 11.64 -23.98
CA ALA B 25 21.26 12.72 -23.03
C ALA B 25 20.27 12.68 -21.86
N ALA B 26 20.77 13.05 -20.67
CA ALA B 26 19.98 13.06 -19.44
C ALA B 26 20.10 14.41 -18.73
N VAL B 27 19.00 14.80 -18.09
CA VAL B 27 18.99 15.90 -17.11
C VAL B 27 18.91 15.29 -15.72
N VAL B 28 19.81 15.71 -14.83
CA VAL B 28 19.75 15.33 -13.43
C VAL B 28 19.65 16.61 -12.58
N THR B 29 18.59 16.74 -11.79
CA THR B 29 18.41 17.93 -10.96
C THR B 29 19.15 17.74 -9.64
N GLY B 30 19.61 18.83 -9.05
CA GLY B 30 20.42 18.77 -7.84
C GLY B 30 21.59 17.79 -7.97
N ALA B 31 22.38 17.93 -9.02
CA ALA B 31 23.44 16.94 -9.36
C ALA B 31 24.85 17.28 -8.93
N ALA B 32 25.01 18.37 -8.19
CA ALA B 32 26.37 18.80 -7.85
C ALA B 32 27.01 17.93 -6.78
N LYS B 33 26.20 17.33 -5.91
CA LYS B 33 26.73 16.60 -4.76
C LYS B 33 25.93 15.35 -4.45
N ARG B 34 26.55 14.49 -3.63
CA ARG B 34 25.82 13.38 -2.95
C ARG B 34 25.14 12.45 -3.97
N ILE B 35 23.85 12.15 -3.80
CA ILE B 35 23.21 11.18 -4.66
C ILE B 35 23.12 11.67 -6.11
N GLY B 36 22.70 12.92 -6.31
CA GLY B 36 22.56 13.43 -7.68
C GLY B 36 23.88 13.38 -8.48
N ARG B 37 24.98 13.68 -7.79
CA ARG B 37 26.32 13.62 -8.39
C ARG B 37 26.63 12.21 -8.85
N ALA B 38 26.33 11.24 -8.00
CA ALA B 38 26.60 9.84 -8.27
C ALA B 38 25.76 9.32 -9.42
N ILE B 39 24.52 9.78 -9.48
CA ILE B 39 23.63 9.51 -10.59
C ILE B 39 24.16 10.07 -11.91
N ALA B 40 24.59 11.32 -11.91
CA ALA B 40 25.18 11.94 -13.10
C ALA B 40 26.43 11.18 -13.60
N VAL B 41 27.35 10.89 -12.67
CA VAL B 41 28.56 10.09 -12.95
C VAL B 41 28.19 8.75 -13.60
N LYS B 42 27.22 8.02 -13.02
CA LYS B 42 26.94 6.68 -13.56
C LYS B 42 26.31 6.72 -14.92
N LEU B 43 25.44 7.71 -15.12
CA LEU B 43 24.81 7.92 -16.40
C LEU B 43 25.91 8.23 -17.42
N HIS B 44 26.85 9.06 -17.02
CA HIS B 44 27.94 9.44 -17.94
C HIS B 44 28.77 8.22 -18.32
N GLN B 45 29.10 7.41 -17.32
CA GLN B 45 29.85 6.13 -17.50
C GLN B 45 29.11 5.13 -18.39
N THR B 46 27.79 5.22 -18.41
CA THR B 46 26.94 4.39 -19.24
C THR B 46 26.85 4.89 -20.67
N GLY B 47 27.34 6.10 -20.94
CA GLY B 47 27.33 6.65 -22.30
C GLY B 47 26.42 7.86 -22.50
N TYR B 48 25.76 8.33 -21.44
CA TYR B 48 24.94 9.55 -21.57
C TYR B 48 25.75 10.82 -21.53
N ARG B 49 25.27 11.80 -22.29
CA ARG B 49 25.67 13.17 -22.07
C ARG B 49 24.76 13.74 -20.99
N VAL B 50 25.26 14.68 -20.18
CA VAL B 50 24.50 15.09 -18.96
C VAL B 50 24.35 16.61 -18.78
N VAL B 51 23.15 17.02 -18.37
CA VAL B 51 22.91 18.36 -17.84
C VAL B 51 22.89 18.21 -16.32
N ILE B 52 23.87 18.85 -15.69
CA ILE B 52 24.03 18.90 -14.22
C ILE B 52 23.30 20.16 -13.72
N HIS B 53 22.07 20.00 -13.25
CA HIS B 53 21.34 21.15 -12.72
C HIS B 53 21.85 21.36 -11.27
N TYR B 54 21.93 22.60 -10.86
CA TYR B 54 22.31 22.95 -9.46
C TYR B 54 21.58 24.22 -9.02
N HIS B 55 21.55 24.48 -7.72
CA HIS B 55 20.93 25.72 -7.19
C HIS B 55 22.03 26.62 -6.60
N ASN B 56 22.51 26.30 -5.42
CA ASN B 56 23.59 27.05 -4.78
C ASN B 56 24.99 26.49 -5.01
N SER B 57 25.13 25.23 -5.43
CA SER B 57 26.44 24.59 -5.39
C SER B 57 27.19 24.72 -6.75
N ALA B 58 27.53 25.95 -7.08
CA ALA B 58 28.11 26.21 -8.44
C ALA B 58 29.49 25.61 -8.56
N GLU B 59 30.31 25.75 -7.53
CA GLU B 59 31.63 25.29 -7.67
C GLU B 59 31.64 23.77 -7.88
N ALA B 60 30.81 23.05 -7.13
CA ALA B 60 30.78 21.59 -7.24
C ALA B 60 30.19 21.14 -8.55
N ALA B 61 29.19 21.86 -9.06
CA ALA B 61 28.58 21.53 -10.35
C ALA B 61 29.63 21.66 -11.48
N VAL B 62 30.39 22.76 -11.40
CA VAL B 62 31.40 23.04 -12.42
C VAL B 62 32.56 22.04 -12.35
N SER B 63 32.99 21.70 -11.13
CA SER B 63 33.99 20.70 -10.89
C SER B 63 33.59 19.38 -11.52
N LEU B 64 32.35 18.95 -11.27
CA LEU B 64 31.82 17.75 -11.93
C LEU B 64 31.81 17.82 -13.46
N ALA B 65 31.31 18.90 -14.02
CA ALA B 65 31.26 19.08 -15.49
C ALA B 65 32.68 18.99 -16.07
N ASP B 66 33.64 19.63 -15.40
CA ASP B 66 35.02 19.61 -15.91
C ASP B 66 35.59 18.18 -15.85
N GLU B 67 35.28 17.43 -14.79
CA GLU B 67 35.73 16.05 -14.67
C GLU B 67 35.12 15.21 -15.79
N LEU B 68 33.83 15.36 -16.04
CA LEU B 68 33.16 14.56 -17.03
C LEU B 68 33.65 14.90 -18.46
N ASN B 69 33.84 16.17 -18.76
CA ASN B 69 34.33 16.60 -20.08
C ASN B 69 35.78 16.23 -20.33
N LYS B 70 36.53 16.03 -19.26
CA LYS B 70 37.92 15.56 -19.34
C LYS B 70 37.84 14.12 -19.81
N GLU B 71 36.93 13.34 -19.21
CA GLU B 71 36.78 11.94 -19.64
C GLU B 71 36.33 11.84 -21.10
N ARG B 72 35.39 12.68 -21.50
CA ARG B 72 34.94 12.75 -22.88
C ARG B 72 34.45 14.15 -23.24
N SER B 73 35.11 14.80 -24.22
CA SER B 73 34.82 16.21 -24.46
C SER B 73 33.40 16.50 -24.88
N ASN B 74 32.85 17.61 -24.43
CA ASN B 74 31.51 18.07 -24.81
C ASN B 74 30.38 17.13 -24.42
N THR B 75 30.45 16.55 -23.23
CA THR B 75 29.42 15.61 -22.79
C THR B 75 28.72 16.04 -21.50
N ALA B 76 29.07 17.21 -20.96
CA ALA B 76 28.47 17.68 -19.70
C ALA B 76 28.34 19.18 -19.73
N VAL B 77 27.18 19.67 -19.31
CA VAL B 77 26.98 21.09 -19.13
C VAL B 77 26.29 21.27 -17.78
N VAL B 78 26.25 22.51 -17.30
CA VAL B 78 25.56 22.83 -16.03
C VAL B 78 24.41 23.79 -16.29
N CYS B 79 23.43 23.81 -15.38
CA CYS B 79 22.30 24.68 -15.55
C CYS B 79 21.82 25.08 -14.18
N GLN B 80 21.85 26.37 -13.87
CA GLN B 80 21.46 26.85 -12.54
C GLN B 80 19.96 27.19 -12.51
N ALA B 81 19.25 26.73 -11.47
CA ALA B 81 17.87 27.16 -11.26
C ALA B 81 17.43 26.88 -9.83
N ASP B 82 16.66 27.81 -9.26
CA ASP B 82 15.91 27.63 -8.03
C ASP B 82 14.63 26.91 -8.40
N LEU B 83 14.33 25.80 -7.72
CA LEU B 83 13.14 25.00 -8.04
C LEU B 83 12.04 25.16 -6.97
N THR B 84 12.18 26.22 -6.16
CA THR B 84 11.13 26.69 -5.29
C THR B 84 9.88 27.04 -6.10
N ASN B 85 8.70 26.74 -5.57
CA ASN B 85 7.49 27.12 -6.28
C ASN B 85 7.35 28.66 -6.33
N SER B 86 6.99 29.15 -7.51
CA SER B 86 6.72 30.58 -7.72
C SER B 86 6.10 30.76 -9.10
N ASN B 87 5.79 32.01 -9.44
CA ASN B 87 5.25 32.35 -10.78
C ASN B 87 6.18 32.06 -11.95
N VAL B 88 7.47 32.01 -11.67
CA VAL B 88 8.47 31.81 -12.70
C VAL B 88 8.96 30.39 -12.78
N LEU B 89 8.47 29.50 -11.91
CA LEU B 89 8.92 28.11 -11.93
C LEU B 89 8.67 27.38 -13.26
N PRO B 90 7.46 27.51 -13.86
CA PRO B 90 7.24 26.81 -15.13
C PRO B 90 8.30 27.20 -16.16
N ALA B 91 8.65 28.48 -16.23
CA ALA B 91 9.68 28.95 -17.18
C ALA B 91 11.06 28.40 -16.87
N SER B 92 11.44 28.39 -15.60
CA SER B 92 12.71 27.83 -15.17
C SER B 92 12.77 26.35 -15.58
N CYS B 93 11.69 25.63 -15.37
CA CYS B 93 11.67 24.20 -15.74
C CYS B 93 11.76 23.96 -17.26
N GLU B 94 11.01 24.71 -18.03
CA GLU B 94 11.16 24.69 -19.49
C GLU B 94 12.59 25.00 -19.93
N GLU B 95 13.24 25.93 -19.25
CA GLU B 95 14.59 26.33 -19.62
C GLU B 95 15.62 25.23 -19.32
N ILE B 96 15.37 24.45 -18.26
CA ILE B 96 16.25 23.34 -17.94
C ILE B 96 16.17 22.28 -19.03
N ILE B 97 14.97 21.91 -19.41
CA ILE B 97 14.81 20.94 -20.48
C ILE B 97 15.39 21.51 -21.79
N ASN B 98 15.09 22.76 -22.10
CA ASN B 98 15.58 23.39 -23.34
C ASN B 98 17.12 23.39 -23.40
N SER B 99 17.79 23.52 -22.25
CA SER B 99 19.25 23.53 -22.24
C SER B 99 19.85 22.17 -22.63
N CYS B 100 19.15 21.09 -22.32
CA CYS B 100 19.55 19.76 -22.75
C CYS B 100 19.46 19.66 -24.29
N PHE B 101 18.36 20.14 -24.86
CA PHE B 101 18.16 20.15 -26.32
C PHE B 101 19.18 21.07 -27.01
N ARG B 102 19.50 22.21 -26.41
CA ARG B 102 20.51 23.12 -26.96
C ARG B 102 21.92 22.53 -26.91
N ALA B 103 22.28 21.86 -25.82
CA ALA B 103 23.59 21.24 -25.73
C ALA B 103 23.72 19.99 -26.58
N PHE B 104 22.68 19.16 -26.67
CA PHE B 104 22.87 17.79 -27.12
C PHE B 104 21.92 17.32 -28.23
N GLY B 105 20.90 18.12 -28.55
CA GLY B 105 19.99 17.80 -29.66
C GLY B 105 18.86 16.87 -29.31
N ARG B 106 18.78 16.48 -28.05
CA ARG B 106 17.85 15.45 -27.63
C ARG B 106 17.77 15.43 -26.10
N CYS B 107 16.69 14.83 -25.57
CA CYS B 107 16.59 14.64 -24.09
C CYS B 107 15.88 13.34 -23.83
N ASP B 108 16.63 12.35 -23.41
CA ASP B 108 16.14 11.00 -23.30
C ASP B 108 15.72 10.65 -21.89
N VAL B 109 16.39 11.21 -20.89
CA VAL B 109 16.18 10.82 -19.50
C VAL B 109 16.10 12.09 -18.64
N LEU B 110 15.13 12.10 -17.72
CA LEU B 110 15.01 13.10 -16.68
C LEU B 110 15.03 12.43 -15.32
N VAL B 111 15.95 12.87 -14.46
CA VAL B 111 16.03 12.41 -13.10
C VAL B 111 15.72 13.57 -12.16
N ASN B 112 14.58 13.45 -11.48
CA ASN B 112 14.14 14.42 -10.49
C ASN B 112 14.69 14.08 -9.10
N ASN B 113 15.82 14.69 -8.78
CA ASN B 113 16.56 14.38 -7.60
C ASN B 113 16.62 15.53 -6.59
N ALA B 114 16.62 16.78 -7.08
CA ALA B 114 16.73 17.96 -6.21
C ALA B 114 15.61 17.96 -5.15
N SER B 115 15.94 18.31 -3.91
CA SER B 115 14.97 18.22 -2.85
C SER B 115 15.37 19.07 -1.66
N ALA B 116 14.46 19.93 -1.21
CA ALA B 116 14.59 20.58 0.10
C ALA B 116 14.08 19.63 1.18
N PHE B 117 14.72 19.67 2.35
CA PHE B 117 14.47 18.73 3.43
C PHE B 117 14.78 19.39 4.77
N TYR B 118 13.73 19.66 5.53
CA TYR B 118 13.89 20.22 6.88
C TYR B 118 12.53 20.12 7.57
N PRO B 119 12.52 20.21 8.88
CA PRO B 119 11.27 20.11 9.65
C PRO B 119 10.37 21.32 9.57
N THR B 120 9.07 21.05 9.66
CA THR B 120 8.05 22.09 9.70
C THR B 120 7.00 21.71 10.76
N PRO B 121 7.31 21.93 12.06
CA PRO B 121 6.36 21.45 13.07
C PRO B 121 4.99 22.10 12.97
N LEU B 122 3.98 21.30 13.26
CA LEU B 122 2.62 21.75 13.28
C LEU B 122 2.36 22.66 14.48
N VAL B 123 3.07 22.45 15.58
CA VAL B 123 2.80 23.18 16.84
C VAL B 123 4.07 23.76 17.47
N GLY B 133 13.73 31.50 10.47
CA GLY B 133 13.12 32.78 10.15
C GLY B 133 12.23 32.75 8.92
N LYS B 134 12.13 31.59 8.27
CA LYS B 134 11.32 31.44 7.05
C LYS B 134 9.83 31.43 7.36
N THR B 135 9.02 32.13 6.58
CA THR B 135 7.58 32.03 6.77
C THR B 135 7.10 30.65 6.34
N VAL B 136 5.92 30.27 6.81
CA VAL B 136 5.35 28.97 6.43
C VAL B 136 5.07 28.90 4.91
N GLU B 137 4.62 29.98 4.30
CA GLU B 137 4.43 29.95 2.86
C GLU B 137 5.75 29.80 2.09
N THR B 138 6.85 30.34 2.61
CA THR B 138 8.15 30.10 2.00
C THR B 138 8.51 28.61 2.12
N GLN B 139 8.23 28.02 3.29
CA GLN B 139 8.47 26.61 3.50
C GLN B 139 7.63 25.73 2.56
N VAL B 140 6.35 26.12 2.39
CA VAL B 140 5.48 25.45 1.39
C VAL B 140 6.12 25.53 0.01
N ALA B 141 6.43 26.73 -0.45
CA ALA B 141 7.05 26.92 -1.74
C ALA B 141 8.27 26.02 -1.95
N GLU B 142 9.15 25.96 -0.95
CA GLU B 142 10.44 25.25 -1.10
C GLU B 142 10.27 23.76 -1.03
N LEU B 143 9.57 23.30 0.00
CA LEU B 143 9.40 21.87 0.19
C LEU B 143 8.50 21.21 -0.86
N ILE B 144 7.37 21.85 -1.16
CA ILE B 144 6.42 21.30 -2.13
C ILE B 144 6.91 21.57 -3.55
N GLY B 145 7.53 22.72 -3.76
CA GLY B 145 8.07 23.07 -5.08
C GLY B 145 9.13 22.10 -5.53
N THR B 146 10.15 21.90 -4.70
CA THR B 146 11.29 21.03 -5.08
C THR B 146 10.91 19.59 -5.17
N ASN B 147 10.15 19.10 -4.21
CA ASN B 147 9.81 17.70 -4.17
C ASN B 147 8.68 17.27 -5.08
N ALA B 148 7.87 18.22 -5.55
CA ALA B 148 6.63 17.86 -6.27
C ALA B 148 6.30 18.70 -7.49
N ILE B 149 6.22 20.01 -7.32
CA ILE B 149 5.81 20.87 -8.40
C ILE B 149 6.86 20.97 -9.50
N ALA B 150 8.12 21.17 -9.11
CA ALA B 150 9.17 21.23 -10.13
C ALA B 150 9.24 19.89 -10.93
N PRO B 151 9.20 18.74 -10.24
CA PRO B 151 9.13 17.46 -11.01
C PRO B 151 7.95 17.42 -11.98
N PHE B 152 6.77 17.91 -11.58
CA PHE B 152 5.62 17.93 -12.48
C PHE B 152 5.87 18.85 -13.68
N LEU B 153 6.37 20.06 -13.44
CA LEU B 153 6.68 21.01 -14.50
C LEU B 153 7.78 20.51 -15.45
N LEU B 154 8.83 19.94 -14.89
CA LEU B 154 9.88 19.31 -15.68
C LEU B 154 9.36 18.15 -16.55
N THR B 155 8.48 17.33 -15.99
CA THR B 155 7.82 16.25 -16.70
C THR B 155 7.01 16.78 -17.87
N MET B 156 6.22 17.81 -17.65
CA MET B 156 5.43 18.47 -18.72
C MET B 156 6.33 18.94 -19.85
N SER B 157 7.38 19.66 -19.49
CA SER B 157 8.31 20.22 -20.48
C SER B 157 9.04 19.09 -21.22
N PHE B 158 9.51 18.07 -20.49
CA PHE B 158 10.12 16.88 -21.08
C PHE B 158 9.19 16.26 -22.12
N ALA B 159 7.96 16.00 -21.73
CA ALA B 159 7.02 15.33 -22.62
C ALA B 159 6.66 16.19 -23.83
N GLN B 160 6.48 17.49 -23.60
CA GLN B 160 6.06 18.41 -24.68
C GLN B 160 7.13 18.47 -25.76
N ARG B 161 8.38 18.42 -25.36
CA ARG B 161 9.49 18.38 -26.30
C ARG B 161 9.61 17.09 -27.09
N GLN B 162 8.85 16.06 -26.73
CA GLN B 162 8.78 14.84 -27.54
C GLN B 162 7.56 14.86 -28.48
N SER B 171 13.85 2.74 -31.93
CA SER B 171 14.80 2.35 -30.89
C SER B 171 15.07 3.47 -29.85
N SER B 172 14.08 4.29 -29.54
CA SER B 172 14.24 5.26 -28.46
C SER B 172 13.99 4.53 -27.12
N ASN B 173 14.52 5.08 -26.03
CA ASN B 173 14.25 4.57 -24.68
C ASN B 173 14.13 5.78 -23.76
N LEU B 174 12.98 6.43 -23.83
CA LEU B 174 12.74 7.65 -23.02
C LEU B 174 12.22 7.27 -21.64
N SER B 175 12.77 7.86 -20.60
CA SER B 175 12.16 7.67 -19.27
C SER B 175 12.50 8.76 -18.27
N ILE B 176 11.71 8.76 -17.20
CA ILE B 176 11.86 9.68 -16.07
C ILE B 176 12.06 8.86 -14.81
N VAL B 177 12.93 9.30 -13.90
CA VAL B 177 13.11 8.61 -12.64
C VAL B 177 13.01 9.69 -11.58
N ASN B 178 12.09 9.50 -10.65
CA ASN B 178 11.88 10.40 -9.51
C ASN B 178 12.46 9.80 -8.24
N LEU B 179 13.21 10.59 -7.50
CA LEU B 179 13.80 10.15 -6.22
C LEU B 179 12.76 10.30 -5.13
N CYS B 180 12.27 9.17 -4.64
CA CYS B 180 11.17 9.16 -3.68
C CYS B 180 11.72 8.92 -2.28
N ASP B 181 10.94 8.31 -1.41
CA ASP B 181 11.36 8.05 -0.05
C ASP B 181 10.75 6.75 0.43
N ALA B 182 11.60 5.76 0.74
CA ALA B 182 11.10 4.48 1.20
C ALA B 182 10.27 4.60 2.49
N MET B 183 10.55 5.64 3.27
CA MET B 183 9.88 5.86 4.55
C MET B 183 8.69 6.79 4.45
N VAL B 184 8.10 6.91 3.27
CA VAL B 184 7.06 7.90 3.08
C VAL B 184 5.78 7.60 3.91
N ASP B 185 5.56 6.35 4.26
CA ASP B 185 4.43 5.98 5.13
C ASP B 185 4.80 5.75 6.60
N GLN B 186 6.06 6.03 6.97
CA GLN B 186 6.50 6.03 8.36
C GLN B 186 7.41 7.23 8.56
N PRO B 187 6.83 8.43 8.45
CA PRO B 187 7.64 9.62 8.32
C PRO B 187 8.36 10.04 9.60
N CYS B 188 9.42 10.84 9.45
CA CYS B 188 10.03 11.49 10.59
C CYS B 188 9.05 12.46 11.23
N MET B 189 9.11 12.51 12.54
CA MET B 189 8.35 13.43 13.36
C MET B 189 8.59 14.90 12.94
N ALA B 190 7.50 15.61 12.66
CA ALA B 190 7.49 17.06 12.39
C ALA B 190 8.02 17.44 10.99
N PHE B 191 7.98 16.48 10.04
CA PHE B 191 8.34 16.73 8.64
C PHE B 191 7.10 16.67 7.75
N SER B 192 5.99 17.25 8.23
CA SER B 192 4.71 17.20 7.45
C SER B 192 4.86 17.65 6.00
N LEU B 193 5.42 18.85 5.79
CA LEU B 193 5.47 19.36 4.41
C LEU B 193 6.37 18.57 3.48
N TYR B 194 7.57 18.25 3.96
CA TYR B 194 8.48 17.34 3.26
C TYR B 194 7.74 16.05 2.89
N ASN B 195 7.05 15.44 3.87
CA ASN B 195 6.40 14.16 3.64
C ASN B 195 5.24 14.32 2.62
N MET B 196 4.53 15.43 2.69
CA MET B 196 3.48 15.74 1.70
C MET B 196 4.05 15.84 0.29
N GLY B 197 5.21 16.49 0.18
CA GLY B 197 5.89 16.61 -1.10
C GLY B 197 6.28 15.26 -1.68
N LYS B 198 6.87 14.40 -0.86
CA LYS B 198 7.26 13.06 -1.33
C LYS B 198 6.05 12.18 -1.67
N HIS B 199 4.96 12.32 -0.89
CA HIS B 199 3.72 11.63 -1.24
C HIS B 199 3.15 12.12 -2.59
N ALA B 200 3.16 13.43 -2.83
CA ALA B 200 2.74 13.99 -4.11
C ALA B 200 3.60 13.48 -5.26
N LEU B 201 4.89 13.28 -4.99
CA LEU B 201 5.80 12.71 -5.98
C LEU B 201 5.45 11.26 -6.39
N VAL B 202 4.92 10.48 -5.46
CA VAL B 202 4.44 9.12 -5.78
C VAL B 202 3.24 9.23 -6.73
N GLY B 203 2.36 10.17 -6.41
CA GLY B 203 1.21 10.49 -7.27
C GLY B 203 1.62 10.84 -8.67
N LEU B 204 2.57 11.76 -8.79
CA LEU B 204 3.09 12.16 -10.06
C LEU B 204 3.67 11.00 -10.85
N THR B 205 4.50 10.22 -10.18
CA THR B 205 5.13 9.04 -10.80
C THR B 205 4.06 8.16 -11.44
N GLN B 206 3.02 7.85 -10.68
CA GLN B 206 1.92 7.00 -11.14
C GLN B 206 1.05 7.69 -12.22
N SER B 207 0.68 8.95 -11.99
CA SER B 207 -0.16 9.67 -12.96
C SER B 207 0.59 9.86 -14.28
N ALA B 208 1.85 10.24 -14.20
CA ALA B 208 2.63 10.47 -15.43
C ALA B 208 2.94 9.15 -16.12
N ALA B 209 3.14 8.06 -15.37
CA ALA B 209 3.36 6.77 -16.00
C ALA B 209 2.18 6.43 -16.92
N LEU B 210 0.98 6.63 -16.40
CA LEU B 210 -0.25 6.32 -17.11
CA LEU B 210 -0.25 6.33 -17.14
C LEU B 210 -0.42 7.23 -18.34
N GLU B 211 -0.29 8.52 -18.13
CA GLU B 211 -0.52 9.49 -19.19
C GLU B 211 0.48 9.47 -20.33
N LEU B 212 1.73 9.16 -20.01
CA LEU B 212 2.82 9.23 -21.01
C LEU B 212 3.17 7.89 -21.65
N ALA B 213 2.56 6.80 -21.15
CA ALA B 213 2.85 5.47 -21.68
C ALA B 213 2.56 5.40 -23.19
N PRO B 214 1.51 6.09 -23.69
CA PRO B 214 1.28 6.00 -25.15
C PRO B 214 2.36 6.68 -26.00
N TYR B 215 3.14 7.57 -25.40
CA TYR B 215 4.27 8.24 -26.05
C TYR B 215 5.58 7.47 -25.87
N GLY B 216 5.51 6.35 -25.17
CA GLY B 216 6.66 5.51 -24.97
C GLY B 216 7.57 6.01 -23.87
N ILE B 217 7.06 6.90 -23.02
CA ILE B 217 7.90 7.46 -21.98
C ILE B 217 7.56 6.73 -20.70
N ARG B 218 8.54 6.03 -20.13
CA ARG B 218 8.37 5.34 -18.86
C ARG B 218 8.65 6.29 -17.68
N VAL B 219 7.91 6.13 -16.60
CA VAL B 219 8.09 6.97 -15.40
C VAL B 219 8.10 6.10 -14.15
N ASN B 220 9.22 6.13 -13.44
CA ASN B 220 9.46 5.27 -12.29
C ASN B 220 10.11 6.04 -11.19
N GLY B 221 10.23 5.38 -10.04
CA GLY B 221 10.94 5.91 -8.90
C GLY B 221 11.97 5.04 -8.25
N VAL B 222 12.90 5.70 -7.56
CA VAL B 222 13.84 5.04 -6.67
C VAL B 222 13.68 5.68 -5.30
N ALA B 223 13.46 4.85 -4.31
CA ALA B 223 13.10 5.25 -2.96
C ALA B 223 14.18 4.85 -1.94
N PRO B 224 15.12 5.74 -1.66
CA PRO B 224 16.10 5.43 -0.63
C PRO B 224 15.45 5.39 0.73
N GLY B 225 16.10 4.71 1.68
CA GLY B 225 15.71 4.75 3.10
C GLY B 225 16.66 5.67 3.86
N VAL B 226 17.76 5.09 4.31
CA VAL B 226 18.89 5.82 4.88
C VAL B 226 20.01 5.68 3.88
N SER B 227 20.32 6.77 3.20
CA SER B 227 21.49 6.83 2.33
C SER B 227 22.42 7.85 2.98
N LEU B 228 23.12 8.62 2.16
CA LEU B 228 24.08 9.58 2.73
C LEU B 228 23.45 10.49 3.78
N LEU B 229 24.04 10.50 4.98
CA LEU B 229 23.52 11.28 6.08
C LEU B 229 23.97 12.73 5.96
N PRO B 230 23.29 13.63 6.67
CA PRO B 230 23.67 15.03 6.52
C PRO B 230 25.13 15.27 6.90
N VAL B 231 25.77 16.15 6.14
CA VAL B 231 27.12 16.62 6.49
C VAL B 231 27.01 17.14 7.91
N ALA B 232 27.99 16.81 8.74
CA ALA B 232 28.02 17.44 10.05
C ALA B 232 27.06 16.80 11.08
N MET B 233 26.08 16.01 10.66
CA MET B 233 25.35 15.16 11.62
C MET B 233 26.45 14.38 12.39
N GLY B 234 26.40 14.37 13.72
CA GLY B 234 27.43 13.69 14.50
C GLY B 234 27.37 12.19 14.22
N GLU B 235 28.51 11.51 14.26
CA GLU B 235 28.54 10.05 13.96
C GLU B 235 27.62 9.25 14.86
N GLU B 236 27.46 9.73 16.09
CA GLU B 236 26.66 9.03 17.09
C GLU B 236 25.19 9.03 16.68
N GLU B 237 24.73 10.15 16.12
CA GLU B 237 23.38 10.25 15.56
C GLU B 237 23.28 9.45 14.23
N LYS B 238 24.31 9.52 13.36
CA LYS B 238 24.33 8.68 12.14
C LYS B 238 24.18 7.20 12.48
N ASP B 239 24.87 6.78 13.54
CA ASP B 239 24.84 5.39 14.00
C ASP B 239 23.45 4.97 14.51
N LYS B 240 22.68 5.89 15.08
CA LYS B 240 21.29 5.57 15.50
C LYS B 240 20.48 5.14 14.26
N TRP B 241 20.67 5.86 13.16
CA TRP B 241 20.00 5.48 11.89
C TRP B 241 20.60 4.22 11.29
N ARG B 242 21.91 4.17 11.18
CA ARG B 242 22.58 2.98 10.63
C ARG B 242 22.16 1.70 11.33
N ARG B 243 22.07 1.74 12.66
CA ARG B 243 21.78 0.52 13.43
C ARG B 243 20.39 -0.05 13.19
N LYS B 244 19.51 0.76 12.61
CA LYS B 244 18.13 0.36 12.27
C LYS B 244 18.02 -0.49 11.01
N VAL B 245 19.03 -0.44 10.15
CA VAL B 245 19.00 -1.05 8.82
C VAL B 245 19.33 -2.54 8.92
N PRO B 246 18.36 -3.41 8.59
CA PRO B 246 18.62 -4.86 8.72
C PRO B 246 19.82 -5.34 7.91
N LEU B 247 19.98 -4.83 6.69
CA LEU B 247 21.01 -5.31 5.77
C LEU B 247 22.31 -4.54 5.95
N GLY B 248 23.09 -4.99 6.93
CA GLY B 248 24.44 -4.51 7.13
C GLY B 248 24.58 -3.39 8.14
N ARG B 249 23.48 -2.93 8.75
CA ARG B 249 23.52 -1.82 9.71
C ARG B 249 24.37 -0.64 9.24
N ARG B 250 24.13 -0.24 7.99
CA ARG B 250 24.83 0.86 7.34
C ARG B 250 23.86 1.50 6.33
N GLU B 251 24.15 2.74 5.99
CA GLU B 251 23.39 3.49 5.01
C GLU B 251 23.78 3.10 3.60
N ALA B 252 22.89 3.34 2.64
CA ALA B 252 23.20 3.09 1.24
C ALA B 252 24.22 4.13 0.79
N SER B 253 25.18 3.70 0.01
CA SER B 253 26.06 4.66 -0.66
C SER B 253 25.26 5.37 -1.75
N ALA B 254 25.78 6.50 -2.23
CA ALA B 254 25.13 7.19 -3.35
C ALA B 254 25.15 6.33 -4.59
N GLU B 255 26.22 5.57 -4.76
CA GLU B 255 26.36 4.73 -5.92
C GLU B 255 25.33 3.58 -5.95
N GLN B 256 24.98 3.08 -4.78
CA GLN B 256 23.98 2.02 -4.68
C GLN B 256 22.61 2.58 -5.08
N ILE B 257 22.33 3.82 -4.71
CA ILE B 257 21.09 4.48 -5.21
C ILE B 257 21.16 4.63 -6.71
N ALA B 258 22.31 5.13 -7.19
CA ALA B 258 22.48 5.37 -8.61
C ALA B 258 22.30 4.09 -9.44
N ASP B 259 22.75 2.95 -8.89
CA ASP B 259 22.60 1.66 -9.59
C ASP B 259 21.15 1.33 -10.00
N ALA B 260 20.19 1.64 -9.12
CA ALA B 260 18.77 1.42 -9.37
C ALA B 260 18.25 2.35 -10.47
N VAL B 261 18.77 3.60 -10.46
CA VAL B 261 18.43 4.59 -11.50
C VAL B 261 18.88 4.05 -12.85
N ILE B 262 20.12 3.59 -12.92
CA ILE B 262 20.71 2.99 -14.14
C ILE B 262 19.89 1.81 -14.66
N PHE B 263 19.45 0.90 -13.79
CA PHE B 263 18.58 -0.20 -14.20
C PHE B 263 17.30 0.33 -14.83
N LEU B 264 16.66 1.27 -14.15
CA LEU B 264 15.38 1.79 -14.61
C LEU B 264 15.42 2.52 -15.95
N VAL B 265 16.53 3.18 -16.24
CA VAL B 265 16.67 3.85 -17.56
C VAL B 265 17.14 2.89 -18.68
N SER B 266 17.60 1.72 -18.30
CA SER B 266 18.21 0.74 -19.22
C SER B 266 17.22 0.00 -20.08
N GLY B 267 17.76 -0.65 -21.11
CA GLY B 267 16.95 -1.52 -21.96
C GLY B 267 16.39 -2.77 -21.25
N SER B 268 16.89 -3.06 -20.04
CA SER B 268 16.43 -4.17 -19.22
C SER B 268 15.17 -3.87 -18.42
N ALA B 269 14.68 -2.63 -18.54
CA ALA B 269 13.51 -2.16 -17.82
C ALA B 269 12.46 -1.60 -18.76
N GLN B 270 12.43 -2.08 -20.01
CA GLN B 270 11.57 -1.44 -20.98
C GLN B 270 10.09 -1.74 -20.84
N TYR B 271 9.72 -2.65 -19.94
CA TYR B 271 8.30 -2.89 -19.64
C TYR B 271 7.88 -2.27 -18.31
N ILE B 272 8.83 -1.70 -17.58
CA ILE B 272 8.65 -1.19 -16.24
C ILE B 272 8.25 0.29 -16.31
N THR B 273 7.03 0.58 -15.87
CA THR B 273 6.57 1.94 -15.71
C THR B 273 5.63 2.00 -14.49
N GLY B 274 5.68 3.15 -13.83
CA GLY B 274 4.92 3.42 -12.62
C GLY B 274 5.43 2.62 -11.43
N SER B 275 6.65 2.13 -11.49
CA SER B 275 7.16 1.32 -10.37
C SER B 275 8.08 2.15 -9.51
N ILE B 276 8.01 1.94 -8.20
CA ILE B 276 8.94 2.61 -7.31
C ILE B 276 9.76 1.54 -6.59
N ILE B 277 11.04 1.53 -6.84
CA ILE B 277 11.93 0.53 -6.28
C ILE B 277 12.58 1.06 -4.98
N LYS B 278 12.30 0.41 -3.85
CA LYS B 278 12.94 0.76 -2.60
C LYS B 278 14.36 0.28 -2.67
N VAL B 279 15.30 1.13 -2.25
CA VAL B 279 16.68 0.74 -2.07
C VAL B 279 17.02 1.11 -0.63
N ASP B 280 16.59 0.26 0.31
CA ASP B 280 16.53 0.64 1.73
C ASP B 280 17.07 -0.37 2.72
N GLY B 281 17.64 -1.48 2.24
CA GLY B 281 18.24 -2.44 3.18
C GLY B 281 17.25 -3.10 4.12
N GLY B 282 15.95 -3.03 3.78
CA GLY B 282 14.87 -3.55 4.65
C GLY B 282 14.33 -2.58 5.69
N LEU B 283 14.86 -1.35 5.76
CA LEU B 283 14.49 -0.39 6.80
C LEU B 283 12.97 -0.23 6.97
N SER B 284 12.27 -0.13 5.84
CA SER B 284 10.83 0.14 5.82
C SER B 284 10.00 -1.02 6.39
N LEU B 285 10.61 -2.18 6.50
CA LEU B 285 9.92 -3.34 7.03
C LEU B 285 10.05 -3.45 8.56
N VAL B 286 10.83 -2.54 9.17
CA VAL B 286 11.14 -2.63 10.59
C VAL B 286 10.11 -1.91 11.45
N HIS B 287 9.50 -2.64 12.36
CA HIS B 287 8.50 -2.03 13.23
C HIS B 287 9.18 -1.17 14.27
N ALA B 288 8.38 -0.33 14.92
CA ALA B 288 8.85 0.58 15.94
C ALA B 288 9.36 -0.19 17.14
N GLU C 22 -37.65 -9.64 13.58
CA GLU C 22 -36.71 -10.76 13.78
C GLU C 22 -35.29 -10.23 13.97
N ALA C 23 -34.61 -10.72 15.01
CA ALA C 23 -33.26 -10.27 15.33
C ALA C 23 -32.24 -10.96 14.41
N PRO C 24 -31.24 -10.20 13.91
CA PRO C 24 -30.21 -10.83 13.09
C PRO C 24 -29.30 -11.68 13.96
N ALA C 25 -28.48 -12.52 13.31
CA ALA C 25 -27.64 -13.45 14.01
C ALA C 25 -26.22 -13.36 13.48
N ALA C 26 -25.27 -13.59 14.37
CA ALA C 26 -23.84 -13.47 14.04
C ALA C 26 -23.07 -14.66 14.54
N VAL C 27 -22.06 -15.09 13.77
CA VAL C 27 -21.07 -16.08 14.23
C VAL C 27 -19.76 -15.35 14.51
N VAL C 28 -19.20 -15.58 15.67
CA VAL C 28 -17.89 -15.03 16.06
C VAL C 28 -17.00 -16.21 16.38
N THR C 29 -15.91 -16.34 15.65
CA THR C 29 -14.96 -17.42 15.92
C THR C 29 -13.99 -17.00 17.02
N GLY C 30 -13.57 -17.96 17.84
CA GLY C 30 -12.70 -17.73 18.97
C GLY C 30 -13.28 -16.67 19.90
N ALA C 31 -14.53 -16.88 20.28
CA ALA C 31 -15.29 -15.87 21.02
C ALA C 31 -15.30 -16.02 22.55
N ALA C 32 -14.59 -17.00 23.09
CA ALA C 32 -14.69 -17.28 24.54
C ALA C 32 -13.97 -16.22 25.37
N LYS C 33 -12.92 -15.64 24.79
CA LYS C 33 -12.03 -14.75 25.53
C LYS C 33 -11.60 -13.52 24.73
N ARG C 34 -11.11 -12.53 25.47
CA ARG C 34 -10.31 -11.45 24.92
C ARG C 34 -11.09 -10.71 23.84
N ILE C 35 -10.55 -10.55 22.63
CA ILE C 35 -11.17 -9.66 21.68
C ILE C 35 -12.46 -10.25 21.12
N GLY C 36 -12.44 -11.54 20.80
CA GLY C 36 -13.65 -12.23 20.33
C GLY C 36 -14.81 -12.18 21.31
N ARG C 37 -14.49 -12.28 22.59
CA ARG C 37 -15.53 -12.19 23.61
C ARG C 37 -16.15 -10.80 23.60
N ALA C 38 -15.32 -9.76 23.51
CA ALA C 38 -15.78 -8.40 23.47
C ALA C 38 -16.65 -8.10 22.24
N ILE C 39 -16.27 -8.65 21.08
CA ILE C 39 -17.04 -8.57 19.88
C ILE C 39 -18.41 -9.26 20.05
N ALA C 40 -18.41 -10.47 20.57
CA ALA C 40 -19.67 -11.17 20.83
C ALA C 40 -20.60 -10.37 21.75
N VAL C 41 -20.05 -9.89 22.85
CA VAL C 41 -20.82 -9.06 23.77
C VAL C 41 -21.41 -7.82 23.14
N LYS C 42 -20.61 -7.05 22.38
CA LYS C 42 -21.15 -5.87 21.76
C LYS C 42 -22.17 -6.17 20.69
N LEU C 43 -21.97 -7.22 19.88
CA LEU C 43 -22.99 -7.57 18.88
C LEU C 43 -24.32 -7.91 19.60
N HIS C 44 -24.20 -8.68 20.65
CA HIS C 44 -25.39 -9.08 21.46
C HIS C 44 -26.11 -7.84 22.03
N GLN C 45 -25.32 -6.93 22.58
CA GLN C 45 -25.86 -5.65 23.12
C GLN C 45 -26.54 -4.80 22.05
N THR C 46 -26.08 -4.89 20.81
CA THR C 46 -26.64 -4.21 19.66
C THR C 46 -27.95 -4.87 19.17
N GLY C 47 -28.28 -6.07 19.63
CA GLY C 47 -29.50 -6.76 19.23
C GLY C 47 -29.34 -8.09 18.49
N TYR C 48 -28.10 -8.48 18.22
CA TYR C 48 -27.82 -9.76 17.56
C TYR C 48 -27.99 -10.96 18.47
N ARG C 49 -28.46 -12.05 17.88
CA ARG C 49 -28.24 -13.40 18.44
C ARG C 49 -26.88 -13.90 18.01
N VAL C 50 -26.21 -14.66 18.86
CA VAL C 50 -24.80 -14.99 18.60
C VAL C 50 -24.46 -16.47 18.76
N VAL C 51 -23.60 -16.93 17.87
CA VAL C 51 -22.92 -18.21 18.01
C VAL C 51 -21.52 -17.94 18.50
N ILE C 52 -21.18 -18.47 19.66
CA ILE C 52 -19.88 -18.31 20.30
C ILE C 52 -19.06 -19.54 19.97
N HIS C 53 -18.15 -19.43 19.01
CA HIS C 53 -17.33 -20.57 18.64
C HIS C 53 -16.12 -20.59 19.58
N TYR C 54 -15.62 -21.80 19.89
CA TYR C 54 -14.46 -22.01 20.72
C TYR C 54 -13.76 -23.31 20.30
N HIS C 55 -12.50 -23.45 20.69
CA HIS C 55 -11.72 -24.65 20.41
C HIS C 55 -11.47 -25.36 21.72
N ASN C 56 -10.59 -24.80 22.55
CA ASN C 56 -10.28 -25.36 23.87
C ASN C 56 -11.05 -24.72 25.02
N SER C 57 -11.59 -23.53 24.85
CA SER C 57 -12.14 -22.76 25.98
C SER C 57 -13.63 -22.94 26.23
N ALA C 58 -14.02 -24.19 26.50
CA ALA C 58 -15.45 -24.53 26.65
C ALA C 58 -16.08 -23.86 27.87
N GLU C 59 -15.37 -23.87 28.98
CA GLU C 59 -15.90 -23.28 30.22
C GLU C 59 -16.19 -21.80 30.02
N ALA C 60 -15.25 -21.09 29.40
CA ALA C 60 -15.43 -19.67 29.14
C ALA C 60 -16.52 -19.39 28.12
N ALA C 61 -16.64 -20.22 27.09
CA ALA C 61 -17.66 -20.02 26.06
C ALA C 61 -19.04 -20.16 26.70
N VAL C 62 -19.17 -21.17 27.55
CA VAL C 62 -20.46 -21.43 28.19
C VAL C 62 -20.80 -20.33 29.21
N SER C 63 -19.79 -19.88 29.97
CA SER C 63 -19.95 -18.75 30.88
C SER C 63 -20.45 -17.49 30.16
N LEU C 64 -19.87 -17.19 29.00
CA LEU C 64 -20.38 -16.07 28.20
C LEU C 64 -21.82 -16.28 27.77
N ALA C 65 -22.11 -17.46 27.23
CA ALA C 65 -23.44 -17.77 26.73
C ALA C 65 -24.44 -17.61 27.88
N ASP C 66 -24.07 -18.10 29.06
CA ASP C 66 -24.97 -18.01 30.23
C ASP C 66 -25.28 -16.54 30.54
N GLU C 67 -24.25 -15.69 30.51
CA GLU C 67 -24.41 -14.24 30.75
C GLU C 67 -25.31 -13.55 29.75
N LEU C 68 -25.14 -13.88 28.45
CA LEU C 68 -25.92 -13.27 27.39
C LEU C 68 -27.39 -13.77 27.40
N ASN C 69 -27.59 -15.06 27.66
CA ASN C 69 -28.95 -15.64 27.71
C ASN C 69 -29.71 -15.18 28.94
N LYS C 70 -28.97 -14.89 30.00
CA LYS C 70 -29.53 -14.23 31.18
C LYS C 70 -30.14 -12.87 30.82
N GLU C 71 -29.52 -12.09 29.93
CA GLU C 71 -30.12 -10.81 29.49
C GLU C 71 -31.32 -11.03 28.58
N ARG C 72 -31.17 -11.92 27.60
CA ARG C 72 -32.23 -12.22 26.62
C ARG C 72 -32.19 -13.71 26.33
N SER C 73 -33.27 -14.38 26.70
CA SER C 73 -33.32 -15.82 26.65
C SER C 73 -33.14 -16.40 25.22
N ASN C 74 -32.35 -17.47 25.09
CA ASN C 74 -32.21 -18.19 23.84
C ASN C 74 -31.66 -17.29 22.71
N THR C 75 -30.67 -16.47 23.06
CA THR C 75 -30.02 -15.59 22.08
C THR C 75 -28.52 -15.85 21.90
N ALA C 76 -28.00 -16.87 22.60
CA ALA C 76 -26.57 -17.24 22.53
C ALA C 76 -26.42 -18.75 22.60
N VAL C 77 -25.65 -19.28 21.69
CA VAL C 77 -25.32 -20.69 21.68
C VAL C 77 -23.80 -20.83 21.51
N VAL C 78 -23.25 -21.98 21.89
CA VAL C 78 -21.84 -22.29 21.65
C VAL C 78 -21.64 -23.33 20.53
N CYS C 79 -20.45 -23.31 19.94
CA CYS C 79 -20.13 -24.20 18.85
C CYS C 79 -18.67 -24.50 18.90
N GLN C 80 -18.33 -25.79 19.01
CA GLN C 80 -16.94 -26.24 19.13
C GLN C 80 -16.34 -26.67 17.80
N ALA C 81 -15.10 -26.24 17.54
CA ALA C 81 -14.38 -26.73 16.36
C ALA C 81 -12.90 -26.36 16.41
N ASP C 82 -12.06 -27.29 15.98
CA ASP C 82 -10.69 -26.97 15.62
C ASP C 82 -10.69 -26.34 14.23
N LEU C 83 -10.01 -25.20 14.08
CA LEU C 83 -9.89 -24.56 12.77
C LEU C 83 -8.49 -24.71 12.11
N THR C 84 -7.70 -25.65 12.62
CA THR C 84 -6.47 -26.13 12.01
C THR C 84 -6.82 -26.72 10.65
N ASN C 85 -6.02 -26.44 9.63
CA ASN C 85 -6.28 -27.03 8.33
C ASN C 85 -6.10 -28.55 8.37
N SER C 86 -7.03 -29.28 7.77
CA SER C 86 -7.00 -30.75 7.71
C SER C 86 -8.03 -31.17 6.66
N ASN C 87 -8.13 -32.48 6.42
CA ASN C 87 -9.17 -33.05 5.52
C ASN C 87 -10.58 -32.75 5.95
N VAL C 88 -10.76 -32.56 7.24
CA VAL C 88 -12.10 -32.35 7.79
C VAL C 88 -12.43 -30.87 8.05
N LEU C 89 -11.50 -29.95 7.78
CA LEU C 89 -11.82 -28.54 8.05
C LEU C 89 -13.03 -28.04 7.25
N PRO C 90 -13.18 -28.38 5.96
CA PRO C 90 -14.36 -27.85 5.28
C PRO C 90 -15.70 -28.22 5.96
N ALA C 91 -15.80 -29.47 6.38
CA ALA C 91 -17.00 -29.96 7.06
C ALA C 91 -17.20 -29.22 8.37
N SER C 92 -16.11 -28.99 9.10
CA SER C 92 -16.23 -28.30 10.38
C SER C 92 -16.75 -26.87 10.21
N CYS C 93 -16.27 -26.17 9.18
CA CYS C 93 -16.67 -24.81 8.90
C CYS C 93 -18.12 -24.76 8.41
N GLU C 94 -18.49 -25.72 7.58
CA GLU C 94 -19.88 -25.84 7.16
C GLU C 94 -20.80 -25.99 8.39
N GLU C 95 -20.38 -26.78 9.37
CA GLU C 95 -21.19 -27.00 10.55
C GLU C 95 -21.24 -25.78 11.47
N ILE C 96 -20.18 -24.96 11.51
CA ILE C 96 -20.26 -23.69 12.26
C ILE C 96 -21.37 -22.79 11.69
N ILE C 97 -21.38 -22.64 10.37
CA ILE C 97 -22.43 -21.87 9.73
C ILE C 97 -23.78 -22.54 9.95
N ASN C 98 -23.83 -23.84 9.75
CA ASN C 98 -25.09 -24.57 10.01
C ASN C 98 -25.61 -24.38 11.44
N SER C 99 -24.73 -24.29 12.43
CA SER C 99 -25.16 -24.12 13.82
CA SER C 99 -25.17 -24.13 13.82
C SER C 99 -25.89 -22.79 14.02
N CYS C 100 -25.52 -21.78 13.24
CA CYS C 100 -26.19 -20.49 13.36
C CYS C 100 -27.61 -20.60 12.76
N PHE C 101 -27.74 -21.26 11.63
CA PHE C 101 -29.06 -21.44 10.99
C PHE C 101 -29.96 -22.34 11.83
N ARG C 102 -29.38 -23.34 12.46
CA ARG C 102 -30.14 -24.27 13.34
C ARG C 102 -30.72 -23.54 14.56
N ALA C 103 -29.87 -22.77 15.22
CA ALA C 103 -30.26 -22.02 16.40
C ALA C 103 -31.23 -20.86 16.12
N PHE C 104 -30.99 -20.13 15.03
CA PHE C 104 -31.58 -18.80 14.85
C PHE C 104 -32.32 -18.63 13.53
N GLY C 105 -32.16 -19.59 12.63
CA GLY C 105 -32.87 -19.54 11.32
C GLY C 105 -32.32 -18.61 10.25
N ARG C 106 -31.18 -18.01 10.54
CA ARG C 106 -30.58 -17.05 9.64
C ARG C 106 -29.12 -16.85 10.11
N CYS C 107 -28.30 -16.29 9.24
CA CYS C 107 -26.90 -15.95 9.59
C CYS C 107 -26.54 -14.69 8.82
N ASP C 108 -26.48 -13.57 9.53
CA ASP C 108 -26.33 -12.26 8.90
C ASP C 108 -24.89 -11.78 8.87
N VAL C 109 -24.13 -12.16 9.88
CA VAL C 109 -22.77 -11.64 10.13
C VAL C 109 -21.83 -12.78 10.51
N LEU C 110 -20.64 -12.78 9.92
CA LEU C 110 -19.55 -13.68 10.25
C LEU C 110 -18.36 -12.83 10.64
N VAL C 111 -17.81 -13.09 11.83
CA VAL C 111 -16.60 -12.44 12.31
C VAL C 111 -15.52 -13.51 12.43
N ASN C 112 -14.49 -13.39 11.61
CA ASN C 112 -13.37 -14.31 11.62
C ASN C 112 -12.27 -13.75 12.54
N ASN C 113 -12.33 -14.18 13.78
CA ASN C 113 -11.49 -13.67 14.85
C ASN C 113 -10.46 -14.70 15.33
N ALA C 114 -10.81 -15.99 15.33
CA ALA C 114 -9.89 -17.04 15.84
C ALA C 114 -8.52 -16.99 15.13
N SER C 115 -7.46 -17.19 15.90
CA SER C 115 -6.13 -17.06 15.36
C SER C 115 -5.09 -17.76 16.24
N ALA C 116 -4.22 -18.53 15.60
CA ALA C 116 -3.01 -19.02 16.21
C ALA C 116 -1.90 -18.00 16.00
N PHE C 117 -1.04 -17.82 17.00
CA PHE C 117 -0.01 -16.82 16.94
C PHE C 117 1.18 -17.33 17.74
N TYR C 118 2.25 -17.64 17.03
CA TYR C 118 3.53 -18.01 17.65
C TYR C 118 4.66 -17.95 16.61
N PRO C 119 5.93 -17.84 17.06
CA PRO C 119 7.04 -17.77 16.10
C PRO C 119 7.34 -19.07 15.37
N THR C 120 7.87 -18.92 14.15
CA THR C 120 8.30 -20.03 13.30
C THR C 120 9.58 -19.59 12.60
N PRO C 121 10.74 -19.66 13.31
CA PRO C 121 11.98 -19.20 12.73
C PRO C 121 12.40 -19.91 11.42
N LEU C 122 13.01 -19.16 10.52
CA LEU C 122 13.46 -19.73 9.27
C LEU C 122 14.75 -20.53 9.47
N VAL C 123 15.55 -20.12 10.44
CA VAL C 123 16.86 -20.74 10.66
C VAL C 123 16.87 -21.33 12.05
N GLN C 124 17.27 -22.60 12.15
CA GLN C 124 17.27 -23.33 13.41
C GLN C 124 18.69 -23.72 13.83
N GLY C 125 18.91 -23.74 15.15
CA GLY C 125 20.20 -24.11 15.72
C GLY C 125 20.41 -25.62 15.67
N GLY C 133 8.15 -29.57 20.16
CA GLY C 133 6.77 -30.00 19.96
C GLY C 133 6.38 -30.20 18.50
N LYS C 134 6.06 -29.10 17.81
CA LYS C 134 5.33 -29.17 16.55
C LYS C 134 6.24 -29.28 15.35
N THR C 135 5.89 -30.17 14.44
CA THR C 135 6.56 -30.21 13.15
C THR C 135 6.23 -28.90 12.36
N VAL C 136 7.09 -28.54 11.41
CA VAL C 136 6.80 -27.35 10.62
C VAL C 136 5.43 -27.45 9.93
N GLU C 137 5.06 -28.64 9.44
CA GLU C 137 3.77 -28.76 8.71
C GLU C 137 2.56 -28.68 9.63
N THR C 138 2.72 -29.05 10.89
CA THR C 138 1.69 -28.80 11.88
C THR C 138 1.54 -27.28 12.09
N GLN C 139 2.67 -26.58 12.18
CA GLN C 139 2.65 -25.11 12.26
C GLN C 139 1.97 -24.45 11.04
N VAL C 140 2.27 -24.95 9.85
CA VAL C 140 1.59 -24.49 8.65
C VAL C 140 0.08 -24.67 8.81
N ALA C 141 -0.34 -25.85 9.29
CA ALA C 141 -1.77 -26.16 9.36
C ALA C 141 -2.49 -25.27 10.37
N GLU C 142 -1.88 -25.01 11.50
CA GLU C 142 -2.44 -24.13 12.53
C GLU C 142 -2.44 -22.67 12.15
N LEU C 143 -1.27 -22.14 11.75
CA LEU C 143 -1.12 -20.72 11.49
C LEU C 143 -1.81 -20.32 10.19
N ILE C 144 -1.65 -21.10 9.13
CA ILE C 144 -2.31 -20.76 7.88
C ILE C 144 -3.79 -21.19 7.94
N GLY C 145 -4.09 -22.34 8.57
CA GLY C 145 -5.47 -22.76 8.71
C GLY C 145 -6.34 -21.79 9.51
N THR C 146 -5.92 -21.43 10.72
CA THR C 146 -6.76 -20.53 11.51
C THR C 146 -6.86 -19.16 10.94
N ASN C 147 -5.75 -18.62 10.44
CA ASN C 147 -5.76 -17.21 9.99
C ASN C 147 -6.24 -16.96 8.58
N ALA C 148 -6.26 -18.01 7.74
CA ALA C 148 -6.60 -17.85 6.32
C ALA C 148 -7.53 -18.92 5.74
N ILE C 149 -7.22 -20.20 5.91
CA ILE C 149 -8.05 -21.20 5.26
C ILE C 149 -9.45 -21.33 5.86
N ALA C 150 -9.52 -21.35 7.18
CA ALA C 150 -10.81 -21.44 7.87
C ALA C 150 -11.65 -20.22 7.54
N PRO C 151 -11.06 -19.00 7.56
CA PRO C 151 -11.85 -17.86 7.10
C PRO C 151 -12.41 -18.02 5.66
N PHE C 152 -11.61 -18.60 4.76
CA PHE C 152 -12.04 -18.81 3.37
C PHE C 152 -13.21 -19.80 3.31
N LEU C 153 -13.09 -20.88 4.08
CA LEU C 153 -14.10 -21.95 4.09
C LEU C 153 -15.39 -21.50 4.76
N LEU C 154 -15.27 -20.77 5.88
CA LEU C 154 -16.44 -20.14 6.51
C LEU C 154 -17.13 -19.14 5.63
N THR C 155 -16.34 -18.40 4.85
CA THR C 155 -16.87 -17.46 3.88
C THR C 155 -17.66 -18.17 2.76
N MET C 156 -17.12 -19.27 2.21
CA MET C 156 -17.82 -20.06 1.20
CA MET C 156 -17.80 -20.05 1.20
C MET C 156 -19.15 -20.57 1.73
N SER C 157 -19.11 -21.14 2.91
CA SER C 157 -20.31 -21.74 3.57
C SER C 157 -21.34 -20.66 3.88
N PHE C 158 -20.88 -19.51 4.38
CA PHE C 158 -21.75 -18.38 4.71
C PHE C 158 -22.45 -17.88 3.45
N ALA C 159 -21.72 -17.70 2.36
CA ALA C 159 -22.30 -17.20 1.10
C ALA C 159 -23.21 -18.22 0.43
N GLN C 160 -22.85 -19.49 0.50
CA GLN C 160 -23.62 -20.57 -0.12
C GLN C 160 -25.03 -20.72 0.49
N ARG C 161 -25.10 -20.51 1.79
CA ARG C 161 -26.34 -20.62 2.52
C ARG C 161 -27.25 -19.41 2.40
N GLN C 162 -26.86 -18.39 1.64
CA GLN C 162 -27.72 -17.23 1.51
C GLN C 162 -28.48 -17.36 0.17
N SER C 172 -32.05 -6.69 4.32
CA SER C 172 -30.97 -7.50 4.90
C SER C 172 -29.70 -6.66 4.94
N ASN C 173 -28.82 -6.97 5.87
CA ASN C 173 -27.54 -6.28 5.91
C ASN C 173 -26.49 -7.34 6.23
N LEU C 174 -26.14 -8.09 5.20
CA LEU C 174 -25.23 -9.21 5.33
C LEU C 174 -23.79 -8.74 5.24
N SER C 175 -22.93 -9.15 6.17
CA SER C 175 -21.49 -8.82 6.03
C SER C 175 -20.58 -9.77 6.77
N ILE C 176 -19.32 -9.72 6.36
CA ILE C 176 -18.23 -10.46 7.01
C ILE C 176 -17.15 -9.47 7.49
N VAL C 177 -16.63 -9.69 8.69
CA VAL C 177 -15.51 -8.91 9.22
C VAL C 177 -14.37 -9.85 9.60
N ASN C 178 -13.19 -9.63 9.01
CA ASN C 178 -12.00 -10.41 9.28
C ASN C 178 -11.05 -9.63 10.16
N LEU C 179 -10.56 -10.27 11.24
CA LEU C 179 -9.59 -9.64 12.13
C LEU C 179 -8.19 -9.78 11.52
N CYS C 180 -7.65 -8.66 11.10
CA CYS C 180 -6.42 -8.57 10.33
C CYS C 180 -5.31 -8.12 11.28
N ASP C 181 -4.30 -7.41 10.78
CA ASP C 181 -3.16 -6.99 11.61
C ASP C 181 -2.58 -5.73 11.03
N ALA C 182 -2.57 -4.64 11.80
CA ALA C 182 -2.12 -3.36 11.28
C ALA C 182 -0.64 -3.39 10.93
N MET C 183 0.11 -4.33 11.53
CA MET C 183 1.55 -4.43 11.37
C MET C 183 1.94 -5.49 10.34
N VAL C 184 1.00 -5.83 9.45
CA VAL C 184 1.21 -6.89 8.47
C VAL C 184 2.41 -6.60 7.54
N ASP C 185 2.74 -5.33 7.33
CA ASP C 185 3.90 -4.98 6.48
C ASP C 185 5.15 -4.57 7.24
N GLN C 186 5.11 -4.69 8.58
CA GLN C 186 6.23 -4.45 9.48
C GLN C 186 6.19 -5.55 10.54
N PRO C 187 6.37 -6.79 10.10
CA PRO C 187 6.09 -7.95 10.94
C PRO C 187 7.08 -8.15 12.10
N CYS C 188 6.63 -8.84 13.15
CA CYS C 188 7.51 -9.31 14.22
C CYS C 188 8.52 -10.30 13.67
N MET C 189 9.75 -10.16 14.11
CA MET C 189 10.86 -11.01 13.71
C MET C 189 10.55 -12.48 14.02
N ALA C 190 10.78 -13.34 13.03
CA ALA C 190 10.64 -14.80 13.14
C ALA C 190 9.19 -15.31 13.15
N PHE C 191 8.26 -14.48 12.66
CA PHE C 191 6.84 -14.84 12.62
C PHE C 191 6.38 -15.01 11.16
N SER C 192 7.22 -15.60 10.31
CA SER C 192 6.91 -15.72 8.88
C SER C 192 5.54 -16.34 8.60
N LEU C 193 5.23 -17.47 9.23
CA LEU C 193 4.00 -18.18 8.86
C LEU C 193 2.74 -17.44 9.30
N TYR C 194 2.80 -16.91 10.52
CA TYR C 194 1.74 -16.08 11.05
C TYR C 194 1.54 -14.91 10.09
N ASN C 195 2.63 -14.26 9.71
CA ASN C 195 2.51 -13.12 8.79
C ASN C 195 1.95 -13.48 7.43
N MET C 196 2.40 -14.62 6.91
CA MET C 196 1.84 -15.16 5.65
C MET C 196 0.34 -15.36 5.77
N GLY C 197 -0.13 -15.90 6.89
CA GLY C 197 -1.54 -16.12 7.13
C GLY C 197 -2.34 -14.82 7.15
N LYS C 198 -1.80 -13.82 7.84
CA LYS C 198 -2.48 -12.52 7.92
C LYS C 198 -2.45 -11.76 6.60
N HIS C 199 -1.38 -11.90 5.85
CA HIS C 199 -1.40 -11.42 4.47
C HIS C 199 -2.43 -12.11 3.59
N ALA C 200 -2.48 -13.44 3.65
CA ALA C 200 -3.50 -14.18 2.90
C ALA C 200 -4.91 -13.72 3.30
N LEU C 201 -5.11 -13.37 4.57
CA LEU C 201 -6.43 -12.87 5.01
C LEU C 201 -6.82 -11.52 4.38
N VAL C 202 -5.85 -10.66 4.18
CA VAL C 202 -6.06 -9.42 3.42
C VAL C 202 -6.53 -9.76 2.00
N GLY C 203 -5.83 -10.71 1.37
CA GLY C 203 -6.27 -11.19 0.05
C GLY C 203 -7.70 -11.72 0.01
N LEU C 204 -8.05 -12.51 1.01
CA LEU C 204 -9.39 -13.09 1.09
C LEU C 204 -10.41 -11.96 1.24
N THR C 205 -10.12 -11.00 2.11
CA THR C 205 -11.01 -9.85 2.37
C THR C 205 -11.37 -9.16 1.03
N GLN C 206 -10.33 -8.91 0.24
CA GLN C 206 -10.45 -8.17 -1.00
C GLN C 206 -11.09 -9.03 -2.07
N SER C 207 -10.65 -10.27 -2.19
CA SER C 207 -11.23 -11.20 -3.19
C SER C 207 -12.72 -11.49 -2.95
N ALA C 208 -13.06 -11.78 -1.71
CA ALA C 208 -14.46 -12.02 -1.35
C ALA C 208 -15.31 -10.76 -1.43
N ALA C 209 -14.77 -9.57 -1.09
CA ALA C 209 -15.53 -8.32 -1.28
C ALA C 209 -15.98 -8.21 -2.74
N LEU C 210 -15.03 -8.42 -3.64
CA LEU C 210 -15.36 -8.37 -5.08
C LEU C 210 -16.39 -9.41 -5.53
N GLU C 211 -16.18 -10.67 -5.15
CA GLU C 211 -16.99 -11.77 -5.63
C GLU C 211 -18.36 -11.83 -4.98
N LEU C 212 -18.49 -11.35 -3.75
CA LEU C 212 -19.76 -11.46 -3.03
C LEU C 212 -20.60 -10.17 -3.13
N ALA C 213 -20.04 -9.14 -3.71
CA ALA C 213 -20.77 -7.87 -3.80
C ALA C 213 -22.11 -8.00 -4.57
N PRO C 214 -22.14 -8.81 -5.64
CA PRO C 214 -23.42 -8.96 -6.36
C PRO C 214 -24.53 -9.66 -5.54
N TYR C 215 -24.15 -10.32 -4.44
CA TYR C 215 -25.06 -10.92 -3.50
C TYR C 215 -25.44 -9.99 -2.35
N GLY C 216 -24.92 -8.77 -2.36
CA GLY C 216 -25.13 -7.85 -1.26
C GLY C 216 -24.37 -8.21 0.00
N ILE C 217 -23.36 -9.07 -0.10
CA ILE C 217 -22.58 -9.42 1.09
C ILE C 217 -21.33 -8.52 1.10
N ARG C 218 -21.15 -7.73 2.17
CA ARG C 218 -20.02 -6.90 2.30
C ARG C 218 -18.93 -7.67 3.06
N VAL C 219 -17.68 -7.40 2.75
CA VAL C 219 -16.54 -8.09 3.35
C VAL C 219 -15.46 -7.08 3.72
N ASN C 220 -15.19 -6.94 5.02
CA ASN C 220 -14.27 -5.92 5.49
C ASN C 220 -13.37 -6.45 6.57
N GLY C 221 -12.42 -5.63 7.01
CA GLY C 221 -11.48 -6.05 8.01
C GLY C 221 -11.27 -5.01 9.10
N VAL C 222 -10.86 -5.49 10.27
CA VAL C 222 -10.46 -4.63 11.39
C VAL C 222 -9.03 -5.09 11.76
N ALA C 223 -8.10 -4.14 11.76
CA ALA C 223 -6.69 -4.44 11.93
C ALA C 223 -6.16 -3.80 13.23
N PRO C 224 -6.13 -4.58 14.32
CA PRO C 224 -5.46 -4.06 15.54
C PRO C 224 -3.96 -3.90 15.38
N GLY C 225 -3.35 -3.09 16.23
CA GLY C 225 -1.91 -2.99 16.34
C GLY C 225 -1.50 -3.73 17.60
N VAL C 226 -1.43 -3.02 18.71
CA VAL C 226 -1.34 -3.66 20.03
C VAL C 226 -2.68 -3.47 20.75
N SER C 227 -3.33 -4.59 21.00
CA SER C 227 -4.50 -4.61 21.82
C SER C 227 -4.12 -5.48 23.00
N LEU C 228 -5.03 -6.33 23.49
CA LEU C 228 -4.74 -7.16 24.63
C LEU C 228 -3.50 -8.00 24.41
N LEU C 229 -2.51 -7.82 25.28
CA LEU C 229 -1.23 -8.43 25.03
C LEU C 229 -1.32 -9.94 25.27
N PRO C 230 -0.55 -10.73 24.54
CA PRO C 230 -0.56 -12.18 24.73
C PRO C 230 -0.30 -12.55 26.19
N VAL C 231 -1.08 -13.47 26.73
CA VAL C 231 -1.01 -13.79 28.15
C VAL C 231 0.38 -14.30 28.54
N ALA C 232 1.02 -15.02 27.62
CA ALA C 232 2.38 -15.54 27.85
C ALA C 232 3.50 -14.51 27.66
N MET C 233 3.16 -13.27 27.30
CA MET C 233 4.18 -12.23 27.15
C MET C 233 4.60 -11.75 28.52
N GLY C 234 5.90 -11.56 28.72
CA GLY C 234 6.41 -10.98 29.96
C GLY C 234 5.98 -9.54 30.12
N GLU C 235 5.79 -9.12 31.37
CA GLU C 235 5.29 -7.78 31.72
C GLU C 235 6.20 -6.65 31.19
N GLU C 236 7.50 -6.87 31.25
CA GLU C 236 8.46 -5.90 30.71
C GLU C 236 8.30 -5.80 29.17
N GLU C 237 8.11 -6.93 28.50
CA GLU C 237 7.89 -6.93 27.06
C GLU C 237 6.57 -6.23 26.68
N LYS C 238 5.53 -6.40 27.51
CA LYS C 238 4.23 -5.72 27.33
C LYS C 238 4.39 -4.20 27.41
N ASP C 239 5.14 -3.71 28.42
CA ASP C 239 5.33 -2.27 28.54
C ASP C 239 6.16 -1.70 27.41
N LYS C 240 7.13 -2.47 26.93
CA LYS C 240 7.88 -2.05 25.73
C LYS C 240 6.95 -1.79 24.52
N TRP C 241 5.99 -2.68 24.28
CA TRP C 241 5.03 -2.48 23.17
C TRP C 241 4.10 -1.29 23.42
N ARG C 242 3.59 -1.17 24.65
CA ARG C 242 2.72 -0.04 25.01
C ARG C 242 3.37 1.32 24.75
N ARG C 243 4.65 1.45 25.12
CA ARG C 243 5.38 2.72 24.97
CA ARG C 243 5.42 2.70 24.98
C ARG C 243 5.58 3.12 23.50
N LYS C 244 5.39 2.19 22.57
CA LYS C 244 5.54 2.49 21.13
C LYS C 244 4.34 3.22 20.52
N VAL C 245 3.21 3.17 21.21
CA VAL C 245 1.94 3.66 20.66
C VAL C 245 1.79 5.16 20.79
N PRO C 246 1.72 5.87 19.64
CA PRO C 246 1.62 7.34 19.73
C PRO C 246 0.42 7.85 20.51
N LEU C 247 -0.73 7.24 20.30
CA LEU C 247 -1.98 7.71 20.89
C LEU C 247 -2.19 7.09 22.27
N GLY C 248 -1.62 7.72 23.28
CA GLY C 248 -1.80 7.31 24.67
C GLY C 248 -0.80 6.35 25.28
N ARG C 249 0.17 5.84 24.51
CA ARG C 249 1.20 4.92 25.03
C ARG C 249 0.56 3.77 25.80
N ARG C 250 -0.49 3.20 25.22
CA ARG C 250 -1.22 2.08 25.80
C ARG C 250 -1.84 1.27 24.64
N GLU C 251 -2.21 0.04 24.97
CA GLU C 251 -2.89 -0.84 24.06
C GLU C 251 -4.38 -0.49 23.90
N ALA C 252 -4.96 -0.90 22.77
CA ALA C 252 -6.41 -0.84 22.59
C ALA C 252 -7.05 -1.83 23.51
N SER C 253 -8.14 -1.41 24.13
CA SER C 253 -8.98 -2.38 24.81
C SER C 253 -9.68 -3.27 23.78
N ALA C 254 -10.17 -4.40 24.25
CA ALA C 254 -10.90 -5.29 23.38
C ALA C 254 -12.16 -4.60 22.88
N GLU C 255 -12.76 -3.78 23.72
CA GLU C 255 -13.96 -3.06 23.32
C GLU C 255 -13.74 -2.02 22.21
N GLN C 256 -12.59 -1.39 22.19
CA GLN C 256 -12.28 -0.42 21.15
C GLN C 256 -12.11 -1.14 19.81
N ILE C 257 -11.52 -2.32 19.82
CA ILE C 257 -11.55 -3.18 18.61
C ILE C 257 -12.99 -3.55 18.22
N ALA C 258 -13.77 -4.00 19.19
CA ALA C 258 -15.15 -4.36 18.91
C ALA C 258 -15.96 -3.21 18.32
N ASP C 259 -15.69 -1.99 18.76
CA ASP C 259 -16.42 -0.81 18.26
C ASP C 259 -16.31 -0.71 16.73
N ALA C 260 -15.11 -1.02 16.20
CA ALA C 260 -14.91 -0.96 14.75
C ALA C 260 -15.66 -2.04 13.99
N VAL C 261 -15.74 -3.23 14.59
CA VAL C 261 -16.55 -4.33 14.07
C VAL C 261 -18.02 -3.90 14.00
N ILE C 262 -18.51 -3.31 15.08
CA ILE C 262 -19.90 -2.86 15.19
C ILE C 262 -20.22 -1.85 14.09
N PHE C 263 -19.32 -0.89 13.86
CA PHE C 263 -19.49 0.06 12.76
C PHE C 263 -19.63 -0.66 11.40
N LEU C 264 -18.70 -1.58 11.13
CA LEU C 264 -18.64 -2.24 9.82
C LEU C 264 -19.89 -3.07 9.52
N VAL C 265 -20.48 -3.71 10.55
CA VAL C 265 -21.70 -4.50 10.35
C VAL C 265 -22.98 -3.63 10.30
N SER C 266 -22.86 -2.37 10.69
CA SER C 266 -24.03 -1.51 10.85
C SER C 266 -24.53 -0.93 9.56
N GLY C 267 -25.71 -0.32 9.64
CA GLY C 267 -26.28 0.37 8.48
C GLY C 267 -25.48 1.59 8.11
N SER C 268 -24.66 2.10 9.03
CA SER C 268 -23.76 3.23 8.75
C SER C 268 -22.60 2.89 7.84
N ALA C 269 -22.42 1.60 7.52
CA ALA C 269 -21.31 1.13 6.63
C ALA C 269 -21.83 0.43 5.37
N GLN C 270 -23.06 0.74 4.97
CA GLN C 270 -23.67 -0.03 3.87
C GLN C 270 -23.07 0.10 2.49
N TYR C 271 -22.24 1.10 2.26
CA TYR C 271 -21.48 1.19 1.01
C TYR C 271 -20.00 0.74 1.13
N ILE C 272 -19.60 0.30 2.33
CA ILE C 272 -18.21 -0.06 2.62
C ILE C 272 -18.01 -1.57 2.44
N THR C 273 -17.16 -1.92 1.47
CA THR C 273 -16.74 -3.30 1.29
C THR C 273 -15.31 -3.25 0.77
N GLY C 274 -14.54 -4.26 1.18
CA GLY C 274 -13.15 -4.39 0.84
C GLY C 274 -12.24 -3.46 1.61
N SER C 275 -12.72 -2.89 2.71
CA SER C 275 -11.97 -1.94 3.48
C SER C 275 -11.46 -2.59 4.74
N ILE C 276 -10.22 -2.24 5.09
CA ILE C 276 -9.59 -2.69 6.34
C ILE C 276 -9.27 -1.48 7.18
N ILE C 277 -9.94 -1.36 8.33
CA ILE C 277 -9.82 -0.19 9.18
C ILE C 277 -8.79 -0.54 10.24
N LYS C 278 -7.69 0.20 10.27
CA LYS C 278 -6.70 0.07 11.39
C LYS C 278 -7.25 0.70 12.64
N VAL C 279 -7.09 0.00 13.76
CA VAL C 279 -7.40 0.51 15.08
C VAL C 279 -6.13 0.31 15.89
N ASP C 280 -5.14 1.18 15.71
CA ASP C 280 -3.79 0.94 16.14
C ASP C 280 -3.12 2.11 16.83
N GLY C 281 -3.86 3.20 17.05
CA GLY C 281 -3.29 4.34 17.78
C GLY C 281 -2.10 4.95 17.11
N GLY C 282 -1.98 4.77 15.78
CA GLY C 282 -0.84 5.28 15.05
C GLY C 282 0.39 4.38 15.02
N LEU C 283 0.36 3.22 15.68
CA LEU C 283 1.55 2.33 15.75
C LEU C 283 2.20 2.02 14.41
N SER C 284 1.37 1.75 13.38
CA SER C 284 1.89 1.35 12.06
C SER C 284 2.64 2.48 11.36
N LEU C 285 2.47 3.70 11.84
CA LEU C 285 3.10 4.86 11.28
C LEU C 285 4.50 5.19 11.84
N VAL C 286 4.90 4.49 12.90
CA VAL C 286 6.10 4.85 13.64
C VAL C 286 7.30 4.14 13.01
N HIS C 287 8.29 4.90 12.55
CA HIS C 287 9.46 4.26 11.97
C HIS C 287 10.30 3.56 13.02
N ALA C 288 11.16 2.67 12.56
CA ALA C 288 12.12 1.98 13.43
C ALA C 288 12.95 2.90 14.30
N GLU D 22 -22.00 21.90 27.59
CA GLU D 22 -22.25 22.53 26.25
C GLU D 22 -21.72 21.71 25.07
N ALA D 23 -22.22 22.05 23.90
CA ALA D 23 -22.09 21.24 22.72
C ALA D 23 -20.73 21.46 22.04
N PRO D 24 -20.11 20.37 21.56
CA PRO D 24 -18.86 20.58 20.78
C PRO D 24 -19.09 21.34 19.45
N ALA D 25 -18.01 21.80 18.83
CA ALA D 25 -18.07 22.59 17.62
C ALA D 25 -17.16 22.00 16.53
N ALA D 26 -17.63 22.09 15.30
CA ALA D 26 -16.94 21.56 14.12
C ALA D 26 -16.86 22.58 12.96
N VAL D 27 -15.71 22.60 12.29
CA VAL D 27 -15.51 23.31 11.04
C VAL D 27 -15.60 22.30 9.91
N VAL D 28 -16.43 22.58 8.89
CA VAL D 28 -16.47 21.76 7.68
C VAL D 28 -16.17 22.67 6.49
N THR D 29 -15.12 22.38 5.70
CA THR D 29 -14.77 23.24 4.57
C THR D 29 -15.59 22.80 3.38
N GLY D 30 -15.91 23.74 2.48
CA GLY D 30 -16.77 23.46 1.31
C GLY D 30 -18.04 22.78 1.73
N ALA D 31 -18.74 23.34 2.72
CA ALA D 31 -19.91 22.67 3.32
C ALA D 31 -21.27 23.14 2.77
N ALA D 32 -21.27 24.01 1.76
CA ALA D 32 -22.53 24.61 1.24
C ALA D 32 -23.32 23.58 0.44
N LYS D 33 -22.64 22.64 -0.19
CA LYS D 33 -23.39 21.68 -0.95
C LYS D 33 -22.74 20.34 -1.00
N ARG D 34 -23.45 19.39 -1.61
CA ARG D 34 -22.93 18.06 -1.91
C ARG D 34 -22.41 17.33 -0.65
N ILE D 35 -21.21 16.73 -0.69
CA ILE D 35 -20.78 15.90 0.43
C ILE D 35 -20.53 16.77 1.68
N GLY D 36 -19.93 17.94 1.51
CA GLY D 36 -19.66 18.79 2.69
C GLY D 36 -20.95 19.18 3.42
N ARG D 37 -21.99 19.45 2.65
CA ARG D 37 -23.28 19.80 3.24
C ARG D 37 -23.83 18.65 4.08
N ALA D 38 -23.80 17.44 3.52
CA ALA D 38 -24.32 16.28 4.19
C ALA D 38 -23.52 16.00 5.46
N ILE D 39 -22.20 16.20 5.42
CA ILE D 39 -21.36 16.13 6.63
C ILE D 39 -21.77 17.16 7.69
N ALA D 40 -21.93 18.42 7.30
CA ALA D 40 -22.34 19.47 8.24
C ALA D 40 -23.69 19.14 8.88
N VAL D 41 -24.64 18.76 8.03
CA VAL D 41 -25.93 18.32 8.53
C VAL D 41 -25.85 17.20 9.55
N LYS D 42 -25.09 16.15 9.24
CA LYS D 42 -25.04 15.01 10.11
C LYS D 42 -24.31 15.32 11.44
N LEU D 43 -23.23 16.12 11.39
CA LEU D 43 -22.57 16.61 12.63
C LEU D 43 -23.58 17.38 13.48
N HIS D 44 -24.36 18.23 12.81
CA HIS D 44 -25.30 19.08 13.55
C HIS D 44 -26.40 18.22 14.20
N GLN D 45 -26.86 17.20 13.49
CA GLN D 45 -27.83 16.25 14.06
C GLN D 45 -27.27 15.49 15.22
N THR D 46 -25.96 15.27 15.23
CA THR D 46 -25.30 14.55 16.27
C THR D 46 -25.07 15.42 17.53
N GLY D 47 -25.25 16.73 17.44
CA GLY D 47 -25.01 17.57 18.63
C GLY D 47 -24.05 18.71 18.44
N TYR D 48 -23.32 18.73 17.33
CA TYR D 48 -22.31 19.76 17.06
C TYR D 48 -22.90 21.10 16.63
N ARG D 49 -22.26 22.16 17.10
CA ARG D 49 -22.35 23.47 16.46
C ARG D 49 -21.37 23.52 15.27
N VAL D 50 -21.75 24.15 14.16
CA VAL D 50 -20.97 24.04 12.92
CA VAL D 50 -21.02 24.02 12.88
C VAL D 50 -20.64 25.36 12.26
N VAL D 51 -19.39 25.47 11.81
CA VAL D 51 -18.95 26.53 10.93
C VAL D 51 -19.02 25.96 9.54
N ILE D 52 -19.87 26.57 8.73
CA ILE D 52 -20.09 26.21 7.33
C ILE D 52 -19.15 27.06 6.51
N HIS D 53 -18.00 26.52 6.14
CA HIS D 53 -17.11 27.26 5.25
C HIS D 53 -17.62 27.12 3.79
N TYR D 54 -17.38 28.16 3.01
CA TYR D 54 -17.73 28.21 1.61
C TYR D 54 -16.80 29.19 0.89
N HIS D 55 -16.78 29.08 -0.44
CA HIS D 55 -15.99 29.96 -1.29
C HIS D 55 -16.93 30.81 -2.13
N ASN D 56 -17.55 30.21 -3.14
CA ASN D 56 -18.48 30.90 -4.02
C ASN D 56 -19.94 30.66 -3.68
N SER D 57 -20.26 29.63 -2.90
CA SER D 57 -21.68 29.24 -2.80
C SER D 57 -22.35 29.89 -1.60
N ALA D 58 -22.47 31.20 -1.65
CA ALA D 58 -22.90 32.00 -0.50
C ALA D 58 -24.37 31.78 -0.17
N GLU D 59 -25.23 31.76 -1.19
CA GLU D 59 -26.65 31.52 -1.00
C GLU D 59 -26.96 30.17 -0.37
N ALA D 60 -26.32 29.11 -0.85
CA ALA D 60 -26.53 27.80 -0.31
C ALA D 60 -25.95 27.68 1.12
N ALA D 61 -24.84 28.36 1.39
CA ALA D 61 -24.27 28.34 2.76
C ALA D 61 -25.21 28.98 3.79
N VAL D 62 -25.62 30.21 3.48
CA VAL D 62 -26.53 30.97 4.32
C VAL D 62 -27.87 30.21 4.50
N SER D 63 -28.38 29.62 3.44
CA SER D 63 -29.58 28.77 3.53
C SER D 63 -29.37 27.54 4.45
N LEU D 64 -28.20 26.91 4.39
CA LEU D 64 -27.95 25.78 5.31
C LEU D 64 -27.89 26.27 6.77
N ALA D 65 -27.20 27.37 7.00
CA ALA D 65 -27.08 27.90 8.33
C ALA D 65 -28.46 28.26 8.89
N ASP D 66 -29.34 28.79 8.05
CA ASP D 66 -30.76 29.03 8.46
C ASP D 66 -31.52 27.79 8.85
N GLU D 67 -31.38 26.74 8.05
CA GLU D 67 -32.02 25.47 8.33
C GLU D 67 -31.56 24.93 9.68
N LEU D 68 -30.25 24.88 9.89
CA LEU D 68 -29.70 24.31 11.11
C LEU D 68 -30.02 25.15 12.35
N ASN D 69 -30.00 26.47 12.19
CA ASN D 69 -30.33 27.39 13.28
C ASN D 69 -31.83 27.39 13.61
N LYS D 70 -32.67 27.11 12.61
CA LYS D 70 -34.11 26.85 12.88
C LYS D 70 -34.31 25.66 13.81
N GLU D 71 -33.50 24.61 13.68
CA GLU D 71 -33.54 23.46 14.60
C GLU D 71 -33.03 23.74 16.01
N ARG D 72 -31.87 24.40 16.13
CA ARG D 72 -31.33 24.85 17.41
C ARG D 72 -30.68 26.21 17.21
N SER D 73 -31.21 27.29 17.81
CA SER D 73 -30.65 28.63 17.52
CA SER D 73 -30.66 28.62 17.53
C SER D 73 -29.20 28.76 17.94
N ASN D 74 -28.44 29.54 17.17
CA ASN D 74 -27.05 29.84 17.48
C ASN D 74 -26.13 28.61 17.45
N THR D 75 -26.37 27.75 16.48
CA THR D 75 -25.56 26.53 16.35
C THR D 75 -24.88 26.40 15.01
N ALA D 76 -25.00 27.41 14.15
CA ALA D 76 -24.33 27.45 12.84
C ALA D 76 -23.99 28.84 12.37
N VAL D 77 -22.81 28.99 11.82
CA VAL D 77 -22.39 30.22 11.20
C VAL D 77 -21.73 29.84 9.90
N VAL D 78 -21.75 30.75 8.95
CA VAL D 78 -20.95 30.64 7.73
C VAL D 78 -19.63 31.43 7.84
N CYS D 79 -18.67 31.01 7.02
CA CYS D 79 -17.36 31.64 6.99
C CYS D 79 -16.84 31.49 5.55
N GLN D 80 -16.66 32.60 4.87
CA GLN D 80 -16.21 32.63 3.48
C GLN D 80 -14.68 32.64 3.37
N ALA D 81 -14.13 31.80 2.49
CA ALA D 81 -12.70 31.88 2.18
C ALA D 81 -12.27 31.17 0.91
N ASP D 82 -11.35 31.80 0.20
CA ASP D 82 -10.65 31.14 -0.89
C ASP D 82 -9.51 30.30 -0.28
N LEU D 83 -9.44 29.04 -0.67
CA LEU D 83 -8.40 28.12 -0.15
C LEU D 83 -7.35 27.77 -1.23
N THR D 84 -7.34 28.53 -2.32
CA THR D 84 -6.24 28.56 -3.29
C THR D 84 -4.94 28.91 -2.58
N ASN D 85 -3.83 28.28 -2.98
CA ASN D 85 -2.56 28.60 -2.35
C ASN D 85 -2.12 30.03 -2.74
N SER D 86 -1.59 30.75 -1.77
CA SER D 86 -1.01 32.09 -1.93
C SER D 86 -0.36 32.46 -0.61
N ASN D 87 0.31 33.61 -0.57
CA ASN D 87 0.99 34.11 0.63
C ASN D 87 0.05 34.51 1.76
N VAL D 88 -1.25 34.63 1.47
CA VAL D 88 -2.23 34.92 2.52
CA VAL D 88 -2.30 34.96 2.44
C VAL D 88 -3.05 33.71 2.91
N LEU D 89 -2.80 32.56 2.27
CA LEU D 89 -3.55 31.33 2.67
C LEU D 89 -3.41 31.00 4.16
N PRO D 90 -2.20 31.16 4.74
CA PRO D 90 -2.12 30.87 6.17
C PRO D 90 -3.05 31.73 7.01
N ALA D 91 -3.10 33.03 6.72
CA ALA D 91 -4.00 33.93 7.43
C ALA D 91 -5.44 33.51 7.22
N SER D 92 -5.82 33.15 6.01
CA SER D 92 -7.20 32.73 5.76
C SER D 92 -7.60 31.50 6.60
N CYS D 93 -6.67 30.53 6.65
CA CYS D 93 -6.90 29.33 7.38
C CYS D 93 -6.97 29.62 8.88
N GLU D 94 -6.03 30.41 9.39
CA GLU D 94 -6.13 30.89 10.78
C GLU D 94 -7.50 31.50 11.09
N GLU D 95 -8.01 32.28 10.15
CA GLU D 95 -9.29 32.97 10.32
C GLU D 95 -10.49 32.05 10.33
N ILE D 96 -10.42 30.96 9.56
CA ILE D 96 -11.49 29.96 9.61
C ILE D 96 -11.54 29.35 11.03
N ILE D 97 -10.38 28.92 11.54
CA ILE D 97 -10.34 28.34 12.87
C ILE D 97 -10.81 29.41 13.89
N ASN D 98 -10.29 30.63 13.74
CA ASN D 98 -10.64 31.73 14.67
C ASN D 98 -12.16 32.00 14.67
N SER D 99 -12.80 31.80 13.52
CA SER D 99 -14.24 32.02 13.38
C SER D 99 -15.04 31.00 14.18
N CYS D 100 -14.53 29.77 14.30
CA CYS D 100 -15.17 28.79 15.18
C CYS D 100 -15.03 29.18 16.64
N PHE D 101 -13.86 29.60 17.08
CA PHE D 101 -13.74 30.07 18.47
C PHE D 101 -14.61 31.30 18.76
N ARG D 102 -14.70 32.18 17.78
CA ARG D 102 -15.46 33.42 17.93
C ARG D 102 -16.96 33.14 18.10
N ALA D 103 -17.51 32.26 17.27
CA ALA D 103 -18.91 31.86 17.40
C ALA D 103 -19.18 31.00 18.63
N PHE D 104 -18.32 30.02 18.90
CA PHE D 104 -18.67 28.90 19.77
C PHE D 104 -17.76 28.71 20.99
N GLY D 105 -16.63 29.38 21.05
CA GLY D 105 -15.74 29.29 22.20
C GLY D 105 -14.84 28.08 22.22
N ARG D 106 -14.92 27.26 21.17
CA ARG D 106 -14.13 26.02 21.13
C ARG D 106 -14.12 25.52 19.68
N CYS D 107 -13.28 24.53 19.39
CA CYS D 107 -13.22 23.91 18.07
C CYS D 107 -12.71 22.50 18.28
N ASP D 108 -13.62 21.54 18.14
CA ASP D 108 -13.33 20.16 18.48
C ASP D 108 -12.98 19.29 17.29
N VAL D 109 -13.57 19.59 16.16
CA VAL D 109 -13.48 18.78 14.93
C VAL D 109 -13.19 19.69 13.73
N LEU D 110 -12.28 19.25 12.88
CA LEU D 110 -12.04 19.88 11.58
C LEU D 110 -12.23 18.86 10.49
N VAL D 111 -13.08 19.17 9.51
CA VAL D 111 -13.28 18.31 8.36
C VAL D 111 -12.80 19.04 7.10
N ASN D 112 -11.76 18.50 6.50
CA ASN D 112 -11.14 19.06 5.30
C ASN D 112 -11.75 18.41 4.06
N ASN D 113 -12.78 19.06 3.56
CA ASN D 113 -13.65 18.58 2.52
C ASN D 113 -13.51 19.39 1.24
N ALA D 114 -13.30 20.71 1.31
CA ALA D 114 -13.19 21.56 0.13
C ALA D 114 -12.12 21.05 -0.86
N SER D 115 -12.41 21.16 -2.15
CA SER D 115 -11.55 20.54 -3.12
C SER D 115 -11.80 21.04 -4.53
N ALA D 116 -10.74 21.48 -5.20
CA ALA D 116 -10.82 21.65 -6.68
C ALA D 116 -10.56 20.32 -7.37
N PHE D 117 -11.23 20.10 -8.51
CA PHE D 117 -11.12 18.86 -9.25
C PHE D 117 -11.34 19.12 -10.73
N TYR D 118 -10.27 19.07 -11.50
CA TYR D 118 -10.33 19.27 -12.96
C TYR D 118 -9.02 18.74 -13.59
N PRO D 119 -9.07 18.43 -14.89
CA PRO D 119 -7.90 17.86 -15.57
C PRO D 119 -6.78 18.88 -15.79
N THR D 120 -5.54 18.40 -15.74
CA THR D 120 -4.36 19.20 -16.08
C THR D 120 -3.44 18.31 -16.91
N PRO D 121 -3.75 18.14 -18.22
CA PRO D 121 -2.92 17.25 -19.07
C PRO D 121 -1.46 17.64 -19.13
N LEU D 122 -0.58 16.63 -19.16
CA LEU D 122 0.87 16.88 -19.25
C LEU D 122 1.30 17.36 -20.64
N VAL D 123 0.56 16.96 -21.66
CA VAL D 123 0.92 17.25 -23.05
C VAL D 123 -0.21 18.03 -23.68
N GLN D 124 0.17 19.12 -24.37
CA GLN D 124 -0.75 19.87 -25.25
C GLN D 124 -1.00 19.09 -26.53
N GLY D 133 -8.93 27.70 -19.22
CA GLY D 133 -8.05 28.77 -19.69
C GLY D 133 -7.20 29.42 -18.60
N LYS D 134 -6.94 28.68 -17.52
CA LYS D 134 -6.10 29.16 -16.41
C LYS D 134 -4.65 28.85 -16.67
N THR D 135 -3.76 29.63 -16.06
CA THR D 135 -2.33 29.37 -16.16
C THR D 135 -1.98 28.11 -15.39
N VAL D 136 -0.85 27.50 -15.73
CA VAL D 136 -0.43 26.32 -14.99
C VAL D 136 -0.18 26.68 -13.51
N GLU D 137 0.39 27.86 -13.24
CA GLU D 137 0.60 28.25 -11.84
C GLU D 137 -0.71 28.41 -11.03
N THR D 138 -1.73 28.96 -11.65
CA THR D 138 -3.05 28.99 -11.04
C THR D 138 -3.62 27.59 -10.78
N GLN D 139 -3.42 26.67 -11.72
CA GLN D 139 -3.87 25.29 -11.56
C GLN D 139 -3.17 24.59 -10.36
N VAL D 140 -1.87 24.81 -10.26
CA VAL D 140 -1.09 24.32 -9.12
C VAL D 140 -1.68 24.92 -7.85
N ALA D 141 -1.84 26.23 -7.83
CA ALA D 141 -2.36 26.91 -6.61
C ALA D 141 -3.72 26.38 -6.16
N GLU D 142 -4.63 26.16 -7.10
CA GLU D 142 -5.98 25.70 -6.78
C GLU D 142 -6.05 24.23 -6.36
N LEU D 143 -5.50 23.36 -7.20
CA LEU D 143 -5.54 21.92 -6.98
C LEU D 143 -4.69 21.50 -5.80
N ILE D 144 -3.47 22.02 -5.73
CA ILE D 144 -2.59 21.71 -4.57
C ILE D 144 -2.99 22.50 -3.31
N GLY D 145 -3.37 23.76 -3.47
CA GLY D 145 -3.85 24.53 -2.31
C GLY D 145 -5.06 23.90 -1.63
N THR D 146 -6.14 23.65 -2.40
CA THR D 146 -7.37 23.17 -1.75
C THR D 146 -7.22 21.79 -1.21
N ASN D 147 -6.57 20.90 -1.97
CA ASN D 147 -6.48 19.50 -1.58
C ASN D 147 -5.40 19.19 -0.55
N ALA D 148 -4.43 20.07 -0.38
CA ALA D 148 -3.27 19.71 0.45
C ALA D 148 -2.77 20.82 1.36
N ILE D 149 -2.46 21.99 0.79
CA ILE D 149 -1.87 23.07 1.56
CA ILE D 149 -1.85 23.05 1.56
C ILE D 149 -2.85 23.66 2.58
N ALA D 150 -4.07 23.89 2.14
CA ALA D 150 -5.07 24.43 3.08
C ALA D 150 -5.37 23.44 4.23
N PRO D 151 -5.55 22.14 3.95
CA PRO D 151 -5.69 21.18 5.06
C PRO D 151 -4.49 21.22 6.04
N PHE D 152 -3.29 21.41 5.53
CA PHE D 152 -2.07 21.52 6.38
C PHE D 152 -2.15 22.73 7.31
N LEU D 153 -2.47 23.87 6.71
CA LEU D 153 -2.53 25.14 7.45
C LEU D 153 -3.68 25.14 8.42
N LEU D 154 -4.83 24.63 8.00
CA LEU D 154 -5.99 24.43 8.92
C LEU D 154 -5.67 23.52 10.10
N THR D 155 -4.95 22.43 9.83
CA THR D 155 -4.47 21.53 10.87
C THR D 155 -3.52 22.23 11.84
N MET D 156 -2.54 23.01 11.31
CA MET D 156 -1.67 23.79 12.18
C MET D 156 -2.47 24.75 13.07
N SER D 157 -3.39 25.50 12.48
CA SER D 157 -4.14 26.49 13.25
C SER D 157 -5.06 25.82 14.26
N PHE D 158 -5.70 24.72 13.86
CA PHE D 158 -6.50 23.90 14.76
C PHE D 158 -5.71 23.46 16.00
N ALA D 159 -4.52 22.90 15.79
CA ALA D 159 -3.71 22.38 16.90
C ALA D 159 -3.19 23.48 17.81
N GLN D 160 -2.76 24.57 17.19
CA GLN D 160 -2.16 25.71 17.88
C GLN D 160 -3.16 26.33 18.85
N ARG D 161 -4.43 26.37 18.45
CA ARG D 161 -5.49 27.03 19.24
C ARG D 161 -5.99 26.20 20.39
N GLN D 162 -5.64 24.94 20.47
CA GLN D 162 -6.19 24.11 21.53
C GLN D 162 -5.63 24.54 22.88
N SER D 171 -12.70 13.62 28.81
CA SER D 171 -13.71 14.59 28.37
C SER D 171 -13.62 14.93 26.87
N SER D 172 -12.54 15.60 26.46
CA SER D 172 -12.37 16.07 25.08
C SER D 172 -12.25 14.92 24.07
N ASN D 173 -12.75 15.16 22.87
CA ASN D 173 -12.58 14.21 21.76
C ASN D 173 -12.25 15.04 20.51
N LEU D 174 -11.01 15.46 20.43
CA LEU D 174 -10.56 16.31 19.36
C LEU D 174 -10.15 15.45 18.16
N SER D 175 -10.61 15.82 16.97
CA SER D 175 -10.14 15.08 15.76
C SER D 175 -10.33 15.85 14.46
N ILE D 176 -9.56 15.38 13.46
CA ILE D 176 -9.55 15.88 12.11
C ILE D 176 -9.89 14.75 11.15
N VAL D 177 -10.76 15.03 10.21
CA VAL D 177 -11.07 14.10 9.13
C VAL D 177 -10.79 14.78 7.79
N ASN D 178 -9.95 14.13 7.00
CA ASN D 178 -9.63 14.59 5.67
C ASN D 178 -10.37 13.80 4.61
N LEU D 179 -10.97 14.47 3.65
CA LEU D 179 -11.65 13.78 2.56
C LEU D 179 -10.61 13.43 1.48
N CYS D 180 -10.30 12.14 1.36
CA CYS D 180 -9.24 11.62 0.52
C CYS D 180 -9.87 11.09 -0.78
N ASP D 181 -9.29 10.04 -1.41
CA ASP D 181 -9.82 9.54 -2.69
C ASP D 181 -9.46 8.07 -2.74
N ALA D 182 -10.45 7.19 -2.85
CA ALA D 182 -10.14 5.75 -2.85
C ALA D 182 -9.32 5.34 -4.09
N MET D 183 -9.38 6.17 -5.11
CA MET D 183 -8.71 5.88 -6.38
C MET D 183 -7.36 6.57 -6.52
N VAL D 184 -6.77 6.94 -5.38
CA VAL D 184 -5.52 7.69 -5.39
C VAL D 184 -4.38 6.95 -6.08
N ASP D 185 -4.40 5.63 -6.05
CA ASP D 185 -3.40 4.84 -6.79
C ASP D 185 -3.83 4.28 -8.15
N GLN D 186 -5.02 4.64 -8.60
CA GLN D 186 -5.55 4.30 -9.91
C GLN D 186 -6.26 5.56 -10.46
N PRO D 187 -5.49 6.62 -10.74
CA PRO D 187 -6.09 7.92 -10.95
C PRO D 187 -6.76 8.07 -12.31
N CYS D 188 -7.61 9.08 -12.37
CA CYS D 188 -8.18 9.50 -13.63
C CYS D 188 -7.10 10.00 -14.54
N MET D 189 -7.23 9.67 -15.82
CA MET D 189 -6.27 10.07 -16.85
C MET D 189 -6.17 11.59 -16.96
N ALA D 190 -4.96 12.14 -16.93
CA ALA D 190 -4.75 13.59 -17.10
C ALA D 190 -5.17 14.45 -15.90
N PHE D 191 -5.29 13.82 -14.74
CA PHE D 191 -5.51 14.53 -13.47
C PHE D 191 -4.28 14.56 -12.55
N SER D 192 -3.07 14.79 -13.10
CA SER D 192 -1.83 14.69 -12.30
CA SER D 192 -1.81 14.71 -12.32
C SER D 192 -1.84 15.62 -11.10
N LEU D 193 -2.20 16.90 -11.30
CA LEU D 193 -2.14 17.85 -10.19
C LEU D 193 -3.12 17.50 -9.08
N TYR D 194 -4.36 17.22 -9.44
CA TYR D 194 -5.35 16.72 -8.49
C TYR D 194 -4.85 15.52 -7.71
N ASN D 195 -4.36 14.52 -8.44
CA ASN D 195 -3.90 13.26 -7.82
C ASN D 195 -2.72 13.55 -6.88
N MET D 196 -1.85 14.44 -7.32
CA MET D 196 -0.75 14.87 -6.48
C MET D 196 -1.25 15.49 -5.17
N GLY D 197 -2.27 16.34 -5.28
CA GLY D 197 -2.89 16.92 -4.09
C GLY D 197 -3.48 15.89 -3.15
N LYS D 198 -4.22 14.92 -3.69
CA LYS D 198 -4.81 13.88 -2.84
C LYS D 198 -3.76 12.92 -2.22
N HIS D 199 -2.68 12.67 -2.95
CA HIS D 199 -1.57 11.92 -2.39
C HIS D 199 -0.91 12.64 -1.26
N ALA D 200 -0.69 13.94 -1.44
CA ALA D 200 -0.14 14.77 -0.37
C ALA D 200 -1.06 14.75 0.84
N LEU D 201 -2.37 14.75 0.60
CA LEU D 201 -3.34 14.67 1.68
C LEU D 201 -3.24 13.37 2.51
N VAL D 202 -2.93 12.25 1.86
CA VAL D 202 -2.60 11.01 2.59
C VAL D 202 -1.41 11.22 3.50
N GLY D 203 -0.32 11.78 2.94
CA GLY D 203 0.86 12.11 3.70
C GLY D 203 0.56 12.96 4.91
N LEU D 204 -0.20 14.05 4.71
CA LEU D 204 -0.63 14.88 5.83
C LEU D 204 -1.40 14.13 6.93
N THR D 205 -2.37 13.35 6.51
CA THR D 205 -3.16 12.55 7.45
C THR D 205 -2.25 11.70 8.37
N GLN D 206 -1.29 11.02 7.76
CA GLN D 206 -0.35 10.20 8.50
C GLN D 206 0.61 11.01 9.39
N SER D 207 1.22 12.03 8.79
CA SER D 207 2.17 12.87 9.51
C SER D 207 1.52 13.58 10.69
N ALA D 208 0.37 14.21 10.45
CA ALA D 208 -0.34 14.88 11.53
C ALA D 208 -0.87 13.90 12.60
N ALA D 209 -1.30 12.69 12.20
CA ALA D 209 -1.69 11.69 13.20
C ALA D 209 -0.53 11.43 14.19
N LEU D 210 0.68 11.26 13.65
CA LEU D 210 1.87 11.01 14.45
CA LEU D 210 1.87 11.00 14.48
C LEU D 210 2.17 12.18 15.38
N GLU D 211 2.23 13.37 14.81
CA GLU D 211 2.71 14.55 15.53
C GLU D 211 1.73 15.08 16.56
N LEU D 212 0.44 14.90 16.29
CA LEU D 212 -0.62 15.39 17.15
C LEU D 212 -1.16 14.37 18.18
N ALA D 213 -0.76 13.11 18.05
CA ALA D 213 -1.15 12.05 19.00
C ALA D 213 -0.87 12.45 20.45
N PRO D 214 0.33 13.03 20.73
CA PRO D 214 0.59 13.45 22.12
C PRO D 214 -0.29 14.55 22.66
N TYR D 215 -1.03 15.26 21.80
CA TYR D 215 -1.98 16.27 22.24
C TYR D 215 -3.42 15.74 22.29
N GLY D 216 -3.59 14.47 22.05
CA GLY D 216 -4.92 13.86 22.03
C GLY D 216 -5.77 14.23 20.83
N ILE D 217 -5.13 14.68 19.75
CA ILE D 217 -5.89 14.99 18.54
C ILE D 217 -5.68 13.83 17.55
N ARG D 218 -6.77 13.18 17.15
CA ARG D 218 -6.76 12.09 16.15
C ARG D 218 -6.92 12.68 14.74
N VAL D 219 -6.28 12.08 13.75
CA VAL D 219 -6.32 12.55 12.40
C VAL D 219 -6.54 11.35 11.47
N ASN D 220 -7.66 11.35 10.78
CA ASN D 220 -8.06 10.23 9.96
C ASN D 220 -8.63 10.73 8.64
N GLY D 221 -8.90 9.78 7.78
CA GLY D 221 -9.45 10.09 6.47
C GLY D 221 -10.65 9.27 6.10
N VAL D 222 -11.44 9.80 5.18
CA VAL D 222 -12.51 9.07 4.50
C VAL D 222 -12.27 9.24 3.01
N ALA D 223 -12.28 8.10 2.28
CA ALA D 223 -11.85 8.03 0.86
C ALA D 223 -13.01 7.50 0.00
N PRO D 224 -13.80 8.43 -0.57
CA PRO D 224 -14.85 8.02 -1.49
C PRO D 224 -14.27 7.45 -2.80
N GLY D 225 -15.04 6.59 -3.48
CA GLY D 225 -14.70 6.15 -4.83
C GLY D 225 -15.49 7.01 -5.81
N VAL D 226 -16.64 6.48 -6.20
CA VAL D 226 -17.64 7.25 -6.90
C VAL D 226 -18.71 7.62 -5.90
N SER D 227 -18.86 8.90 -5.61
CA SER D 227 -19.99 9.44 -4.88
C SER D 227 -20.67 10.44 -5.82
N LEU D 228 -21.19 11.54 -5.29
CA LEU D 228 -21.97 12.47 -6.12
C LEU D 228 -21.17 12.83 -7.35
N LEU D 229 -21.71 12.52 -8.52
CA LEU D 229 -20.97 12.76 -9.73
C LEU D 229 -20.82 14.27 -9.99
N PRO D 230 -19.76 14.69 -10.72
CA PRO D 230 -19.60 16.12 -11.00
C PRO D 230 -20.80 16.70 -11.73
N VAL D 231 -21.18 17.93 -11.35
CA VAL D 231 -22.31 18.63 -11.96
C VAL D 231 -22.14 18.72 -13.48
N ALA D 232 -20.91 19.00 -13.92
CA ALA D 232 -20.62 19.18 -15.35
C ALA D 232 -20.52 17.89 -16.15
N MET D 233 -20.43 16.73 -15.49
CA MET D 233 -20.29 15.45 -16.20
C MET D 233 -21.59 15.04 -16.92
N GLY D 234 -21.46 14.53 -18.14
CA GLY D 234 -22.63 14.13 -18.95
C GLY D 234 -23.28 12.86 -18.42
N GLU D 235 -24.54 12.65 -18.77
CA GLU D 235 -25.27 11.51 -18.20
C GLU D 235 -24.69 10.18 -18.58
N GLU D 236 -24.18 10.08 -19.81
CA GLU D 236 -23.62 8.82 -20.25
C GLU D 236 -22.37 8.47 -19.45
N GLU D 237 -21.51 9.47 -19.20
CA GLU D 237 -20.29 9.22 -18.44
C GLU D 237 -20.63 8.87 -16.97
N LYS D 238 -21.62 9.54 -16.37
CA LYS D 238 -22.04 9.19 -15.00
C LYS D 238 -22.47 7.74 -14.98
N ASP D 239 -23.27 7.30 -15.97
CA ASP D 239 -23.71 5.92 -15.96
C ASP D 239 -22.55 4.97 -16.18
N LYS D 240 -21.53 5.38 -16.92
CA LYS D 240 -20.35 4.55 -17.10
C LYS D 240 -19.64 4.29 -15.74
N TRP D 241 -19.49 5.34 -14.96
CA TRP D 241 -18.85 5.22 -13.62
C TRP D 241 -19.69 4.39 -12.68
N ARG D 242 -21.01 4.60 -12.67
CA ARG D 242 -21.90 3.84 -11.80
C ARG D 242 -21.77 2.33 -12.03
N ARG D 243 -21.67 1.96 -13.30
CA ARG D 243 -21.62 0.57 -13.70
C ARG D 243 -20.35 -0.14 -13.29
N LYS D 244 -19.31 0.61 -12.90
CA LYS D 244 -18.02 0.03 -12.46
C LYS D 244 -18.06 -0.45 -10.98
N VAL D 245 -19.05 0.00 -10.22
CA VAL D 245 -19.06 -0.23 -8.76
C VAL D 245 -19.68 -1.59 -8.42
N PRO D 246 -18.87 -2.54 -7.87
CA PRO D 246 -19.37 -3.90 -7.56
C PRO D 246 -20.59 -3.95 -6.67
N LEU D 247 -20.60 -3.09 -5.64
CA LEU D 247 -21.63 -3.15 -4.62
C LEU D 247 -22.77 -2.24 -5.03
N GLY D 248 -23.62 -2.76 -5.90
CA GLY D 248 -24.83 -2.03 -6.25
C GLY D 248 -24.87 -1.30 -7.56
N ARG D 249 -23.74 -1.21 -8.26
CA ARG D 249 -23.69 -0.52 -9.52
C ARG D 249 -24.26 0.91 -9.41
N ARG D 250 -23.91 1.60 -8.34
CA ARG D 250 -24.32 2.98 -8.16
CA ARG D 250 -24.39 2.95 -8.05
C ARG D 250 -23.32 3.71 -7.28
N GLU D 251 -23.43 5.05 -7.30
CA GLU D 251 -22.57 5.93 -6.53
C GLU D 251 -22.97 5.94 -5.05
N ALA D 252 -22.03 6.24 -4.18
CA ALA D 252 -22.38 6.47 -2.80
C ALA D 252 -23.19 7.75 -2.69
N SER D 253 -24.20 7.73 -1.82
CA SER D 253 -24.87 9.00 -1.46
C SER D 253 -23.92 9.86 -0.62
N ALA D 254 -24.20 11.16 -0.59
CA ALA D 254 -23.47 12.05 0.33
C ALA D 254 -23.62 11.59 1.78
N GLU D 255 -24.81 11.09 2.13
CA GLU D 255 -25.03 10.67 3.51
C GLU D 255 -24.19 9.45 3.89
N GLN D 256 -23.97 8.55 2.94
CA GLN D 256 -23.10 7.39 3.16
C GLN D 256 -21.67 7.80 3.45
N ILE D 257 -21.18 8.79 2.72
CA ILE D 257 -19.84 9.32 3.03
C ILE D 257 -19.82 9.96 4.43
N ALA D 258 -20.82 10.82 4.69
CA ALA D 258 -20.93 11.49 5.99
C ALA D 258 -20.98 10.49 7.17
N ASP D 259 -21.62 9.34 6.98
CA ASP D 259 -21.73 8.30 8.01
C ASP D 259 -20.33 7.89 8.50
N ALA D 260 -19.38 7.79 7.55
CA ALA D 260 -18.02 7.38 7.92
C ALA D 260 -17.28 8.47 8.72
N VAL D 261 -17.53 9.72 8.34
CA VAL D 261 -16.99 10.90 9.04
C VAL D 261 -17.50 10.89 10.48
N ILE D 262 -18.82 10.75 10.63
CA ILE D 262 -19.44 10.63 11.97
C ILE D 262 -18.80 9.55 12.85
N PHE D 263 -18.55 8.37 12.27
CA PHE D 263 -17.90 7.32 12.99
C PHE D 263 -16.55 7.77 13.49
N LEU D 264 -15.75 8.36 12.60
CA LEU D 264 -14.38 8.70 12.99
C LEU D 264 -14.29 9.79 14.04
N VAL D 265 -15.25 10.71 14.08
CA VAL D 265 -15.19 11.76 15.11
C VAL D 265 -15.80 11.28 16.44
N SER D 266 -16.52 10.16 16.37
CA SER D 266 -17.25 9.63 17.53
C SER D 266 -16.39 8.99 18.61
N GLY D 267 -16.99 8.80 19.79
CA GLY D 267 -16.37 8.02 20.82
C GLY D 267 -16.08 6.55 20.52
N SER D 268 -16.65 6.03 19.43
CA SER D 268 -16.42 4.64 19.03
C SER D 268 -15.13 4.51 18.23
N ALA D 269 -14.43 5.62 18.00
CA ALA D 269 -13.21 5.66 17.21
C ALA D 269 -12.03 6.26 17.99
N GLN D 270 -12.09 6.22 19.32
CA GLN D 270 -11.08 6.90 20.17
C GLN D 270 -9.66 6.35 20.12
N TYR D 271 -9.47 5.13 19.61
CA TYR D 271 -8.12 4.58 19.45
C TYR D 271 -7.67 4.63 17.96
N ILE D 272 -8.50 5.20 17.10
CA ILE D 272 -8.22 5.23 15.68
C ILE D 272 -7.56 6.54 15.32
N THR D 273 -6.35 6.47 14.80
CA THR D 273 -5.69 7.66 14.23
C THR D 273 -4.75 7.22 13.14
N GLY D 274 -4.66 8.05 12.11
CA GLY D 274 -3.87 7.75 10.92
C GLY D 274 -4.54 6.76 9.99
N SER D 275 -5.82 6.45 10.19
CA SER D 275 -6.54 5.46 9.33
C SER D 275 -7.32 6.19 8.25
N ILE D 276 -7.38 5.62 7.05
CA ILE D 276 -8.16 6.18 5.96
C ILE D 276 -9.16 5.12 5.54
N ILE D 277 -10.45 5.42 5.67
CA ILE D 277 -11.48 4.39 5.53
C ILE D 277 -12.00 4.58 4.12
N LYS D 278 -11.83 3.61 3.23
CA LYS D 278 -12.51 3.66 1.89
C LYS D 278 -13.99 3.46 2.07
N VAL D 279 -14.77 4.29 1.38
CA VAL D 279 -16.21 4.15 1.23
C VAL D 279 -16.52 4.16 -0.29
N ASP D 280 -16.21 3.01 -0.93
CA ASP D 280 -16.09 2.94 -2.37
C ASP D 280 -16.85 1.80 -3.04
N GLY D 281 -17.59 1.01 -2.26
CA GLY D 281 -18.37 -0.08 -2.84
C GLY D 281 -17.55 -1.14 -3.55
N GLY D 282 -16.23 -1.18 -3.27
CA GLY D 282 -15.33 -2.14 -3.84
C GLY D 282 -14.64 -1.63 -5.10
N LEU D 283 -14.92 -0.40 -5.51
CA LEU D 283 -14.41 0.13 -6.81
C LEU D 283 -12.88 -0.01 -6.96
N SER D 284 -12.12 0.28 -5.90
CA SER D 284 -10.66 0.28 -5.96
C SER D 284 -10.09 -1.14 -6.12
N LEU D 285 -10.92 -2.14 -5.94
CA LEU D 285 -10.46 -3.51 -6.03
C LEU D 285 -10.58 -4.07 -7.44
N VAL D 286 -11.18 -3.31 -8.36
CA VAL D 286 -11.58 -3.83 -9.68
C VAL D 286 -10.46 -3.57 -10.68
N HIS D 287 -9.93 -4.62 -11.27
CA HIS D 287 -8.86 -4.50 -12.30
C HIS D 287 -9.40 -3.81 -13.56
N ALA D 288 -8.48 -3.29 -14.38
CA ALA D 288 -8.85 -2.66 -15.65
C ALA D 288 -9.64 -3.59 -16.55
PA NAP E . 2.97 -21.14 -15.16
O1A NAP E . 3.34 -21.48 -16.58
O2A NAP E . 1.51 -21.03 -14.83
O5B NAP E . 3.62 -22.18 -14.16
C5B NAP E . 5.02 -22.38 -14.15
C4B NAP E . 5.31 -23.75 -13.59
O4B NAP E . 4.72 -24.00 -12.29
C3B NAP E . 4.71 -24.87 -14.45
O3B NAP E . 5.43 -25.09 -15.66
C2B NAP E . 4.70 -26.05 -13.49
O2B NAP E . 5.71 -27.06 -13.74
C1B NAP E . 4.86 -25.35 -12.09
N9A NAP E . 3.85 -25.95 -11.20
C8A NAP E . 2.53 -25.90 -11.27
N7A NAP E . 1.96 -26.68 -10.31
C5A NAP E . 2.98 -27.25 -9.65
C6A NAP E . 3.11 -28.18 -8.56
N6A NAP E . 1.99 -28.65 -7.99
N1A NAP E . 4.34 -28.51 -8.16
C2A NAP E . 5.48 -28.03 -8.72
N3A NAP E . 5.42 -27.19 -9.77
C4A NAP E . 4.23 -26.78 -10.24
O3 NAP E . 3.80 -19.81 -14.80
PN NAP E . 4.09 -18.52 -15.72
O1N NAP E . 5.38 -18.77 -16.45
O2N NAP E . 2.84 -18.03 -16.42
O5D NAP E . 4.38 -17.46 -14.55
C5D NAP E . 5.60 -17.57 -13.80
C4D NAP E . 5.37 -16.95 -12.42
O4D NAP E . 4.98 -15.56 -12.55
C3D NAP E . 4.29 -17.62 -11.62
O3D NAP E . 4.72 -17.60 -10.22
C2D NAP E . 3.06 -16.76 -11.87
O2D NAP E . 2.08 -16.90 -10.82
C1D NAP E . 3.66 -15.40 -11.99
N1N NAP E . 2.82 -14.52 -12.78
C2N NAP E . 2.67 -14.75 -14.11
C3N NAP E . 1.87 -13.93 -14.86
C7N NAP E . 1.66 -14.15 -16.33
O7N NAP E . 1.09 -13.28 -16.95
N7N NAP E . 2.09 -15.30 -16.89
C4N NAP E . 1.18 -12.87 -14.25
C5N NAP E . 1.32 -12.67 -12.90
C6N NAP E . 2.16 -13.50 -12.17
P2B NAP E . 5.50 -28.29 -14.81
O1X NAP E . 4.43 -29.17 -14.17
O2X NAP E . 6.89 -28.88 -14.70
O3X NAP E . 5.09 -27.67 -16.10
N1 JUO F . -3.03 -13.22 -13.71
C2 JUO F . -2.66 -13.14 -12.41
N3 JUO F . -1.73 -14.00 -11.91
C4 JUO F . -1.21 -14.97 -12.69
C5 JUO F . -1.58 -15.08 -14.04
C6 JUO F . -2.53 -14.16 -14.52
NAA JUO F . -0.84 -17.16 -16.91
NAB JUO F . -3.21 -12.19 -11.62
CAC JUO F . -0.85 -16.70 -15.86
CAD JUO F . -0.09 -16.64 -13.55
CAE JUO F . -4.52 -12.49 -16.48
CAF JUO F . -2.06 -12.92 -17.76
CAG JUO F . -4.41 -13.95 -16.10
CAH JUO F . -2.05 -14.24 -17.00
NAK JUO F . -0.29 -15.91 -12.44
SAL JUO F . -3.76 -12.29 -18.10
CAN JUO F . -0.84 -16.18 -14.53
NAR JUO F . -2.99 -14.17 -15.84
C ACT G . 9.21 -22.37 -23.50
O ACT G . 10.02 -21.41 -23.54
OXT ACT G . 8.06 -22.25 -23.08
CH3 ACT G . 9.65 -23.72 -23.99
PA NAP H . 20.13 16.57 -0.77
O1A NAP H . 21.60 16.60 -0.70
O2A NAP H . 19.33 16.80 0.51
O5B NAP H . 19.62 17.62 -1.85
C5B NAP H . 20.11 17.48 -3.15
C4B NAP H . 20.15 18.83 -3.80
O4B NAP H . 18.84 19.37 -3.86
C3B NAP H . 20.98 19.87 -3.09
O3B NAP H . 22.38 19.57 -3.24
C2B NAP H . 20.43 21.15 -3.72
O2B NAP H . 21.25 21.74 -4.79
C1B NAP H . 19.04 20.69 -4.29
N9A NAP H . 18.06 21.65 -3.82
C8A NAP H . 17.69 21.91 -2.54
N7A NAP H . 16.83 22.95 -2.51
C5A NAP H . 16.71 23.38 -3.79
C6A NAP H . 15.97 24.46 -4.49
N6A NAP H . 15.22 25.31 -3.76
N1A NAP H . 16.07 24.52 -5.84
C2A NAP H . 16.83 23.68 -6.56
N3A NAP H . 17.55 22.69 -6.00
C4A NAP H . 17.51 22.52 -4.64
O3 NAP H . 19.69 15.16 -1.36
PN NAP H . 20.34 13.69 -1.16
O1N NAP H . 21.54 13.55 -2.01
O2N NAP H . 20.46 13.39 0.32
O5D NAP H . 19.16 12.77 -1.73
C5D NAP H . 18.82 12.69 -3.10
C4D NAP H . 17.32 12.45 -3.27
O4D NAP H . 16.97 11.25 -2.56
C3D NAP H . 16.42 13.54 -2.74
O3D NAP H . 15.24 13.60 -3.57
C2D NAP H . 16.07 13.03 -1.37
O2D NAP H . 14.81 13.53 -0.92
C1D NAP H . 16.01 11.51 -1.58
N1N NAP H . 16.25 10.75 -0.35
C2N NAP H . 17.47 10.81 0.26
C3N NAP H . 17.68 10.12 1.44
C7N NAP H . 19.00 10.11 2.13
O7N NAP H . 19.15 9.32 3.03
N7N NAP H . 20.02 10.93 1.81
C4N NAP H . 16.61 9.42 1.99
C5N NAP H . 15.37 9.41 1.38
C6N NAP H . 15.21 10.09 0.20
P2B NAP H . 22.45 22.78 -4.46
O1X NAP H . 21.88 24.02 -3.85
O2X NAP H . 23.08 23.02 -5.81
O3X NAP H . 23.40 22.05 -3.56
N1 JUO I . 15.22 10.98 5.40
C2 JUO I . 14.23 11.05 4.49
N3 JUO I . 14.41 11.75 3.36
C4 JUO I . 15.55 12.40 3.10
C5 JUO I . 16.60 12.36 4.03
C6 JUO I . 16.38 11.62 5.19
NAA JUO I . 19.91 13.54 4.60
NAB JUO I . 13.06 10.42 4.71
CAC JUO I . 18.90 13.36 4.10
CAD JUO I . 17.20 13.60 2.30
CAE JUO I . 18.32 9.38 6.21
CAF JUO I . 16.64 10.43 8.17
CAG JUO I . 18.61 10.83 5.85
CAH JUO I . 17.05 11.79 7.60
NAK JUO I . 15.95 13.16 2.08
SAL JUO I . 18.02 9.25 8.01
CAN JUO I . 17.63 13.13 3.48
NAR JUO I . 17.36 11.50 6.19
C ACT J . 27.69 28.40 -14.16
O ACT J . 28.24 28.36 -15.30
OXT ACT J . 26.45 28.14 -14.02
CH3 ACT J . 28.50 28.81 -12.94
PA NAP K . -6.10 -14.84 20.70
O1A NAP K . -6.50 -14.76 22.15
O2A NAP K . -4.68 -15.06 20.25
O5B NAP K . -6.97 -15.98 20.01
C5B NAP K . -8.38 -15.95 20.04
C4B NAP K . -8.88 -17.39 19.97
O4B NAP K . -8.44 -18.07 18.79
C3B NAP K . -8.39 -18.31 21.09
O3B NAP K . -9.01 -18.06 22.34
C2B NAP K . -8.74 -19.68 20.50
O2B NAP K . -9.94 -20.31 21.01
C1B NAP K . -8.86 -19.39 18.97
N9A NAP K . -7.97 -20.36 18.31
C8A NAP K . -6.63 -20.43 18.39
N7A NAP K . -6.17 -21.51 17.71
C5A NAP K . -7.27 -22.15 17.23
C6A NAP K . -7.56 -23.36 16.47
N6A NAP K . -6.56 -24.18 16.08
N1A NAP K . -8.87 -23.65 16.20
C2A NAP K . -9.87 -22.86 16.61
N3A NAP K . -9.69 -21.74 17.34
C4A NAP K . -8.44 -21.39 17.69
O3 NAP K . -6.61 -13.56 19.90
PN NAP K . -6.77 -12.07 20.37
O1N NAP K . -8.05 -11.91 21.09
O2N NAP K . -5.43 -11.63 20.90
O5D NAP K . -6.87 -11.35 18.93
C5D NAP K . -8.09 -11.41 18.15
C4D NAP K . -7.81 -11.26 16.65
O4D NAP K . -7.16 -9.99 16.42
C3D NAP K . -6.87 -12.32 16.06
O3D NAP K . -7.31 -12.64 14.77
C2D NAP K . -5.51 -11.65 16.06
O2D NAP K . -4.63 -12.27 15.13
C1D NAP K . -5.89 -10.19 15.79
N1N NAP K . -4.88 -9.30 16.39
C2N NAP K . -4.81 -9.15 17.72
C3N NAP K . -3.83 -8.32 18.29
C7N NAP K . -3.67 -8.10 19.76
O7N NAP K . -2.89 -7.22 20.12
N7N NAP K . -4.30 -8.86 20.66
C4N NAP K . -2.99 -7.62 17.44
C5N NAP K . -3.09 -7.78 16.06
C6N NAP K . -4.07 -8.62 15.55
P2B NAP K . -9.93 -21.20 22.36
O1X NAP K . -11.41 -21.49 22.48
O2X NAP K . -9.45 -20.29 23.46
O3X NAP K . -9.05 -22.41 22.09
N1 JUO L . 1.12 -8.73 17.12
C2 JUO L . 0.77 -8.94 15.83
N3 JUO L . -0.26 -9.75 15.53
C4 JUO L . -0.96 -10.39 16.49
C5 JUO L . -0.64 -10.22 17.84
C6 JUO L . 0.43 -9.35 18.12
NAA JUO L . -1.98 -11.51 21.02
NAB JUO L . 1.44 -8.35 14.83
CAC JUO L . -1.80 -11.29 19.92
CAD JUO L . -2.36 -11.61 17.64
CAE JUO L . 2.87 -7.80 19.47
CAF JUO L . 0.37 -7.06 20.49
CAG JUO L . 2.33 -9.19 19.68
CAH JUO L . -0.02 -8.51 20.39
NAK JUO L . -2.01 -11.23 16.42
SAL JUO L . 2.17 -6.83 20.82
CAN JUO L . -1.58 -11.03 18.53
NAR JUO L . 0.88 -9.09 19.41
PA NAP M . -16.97 19.30 -4.79
O1A NAP M . -18.45 19.51 -4.89
O2A NAP M . -16.09 19.06 -6.01
O5B NAP M . -16.23 20.43 -3.94
C5B NAP M . -16.70 20.77 -2.65
C4B NAP M . -16.49 22.25 -2.43
O4B NAP M . -15.08 22.62 -2.47
C3B NAP M . -17.15 23.17 -3.45
O3B NAP M . -18.54 23.39 -3.25
C2B NAP M . -16.37 24.47 -3.27
O2B NAP M . -17.06 25.46 -2.50
C1B NAP M . -15.07 24.02 -2.53
N9A NAP M . -13.96 24.61 -3.24
C8A NAP M . -13.57 24.35 -4.52
N7A NAP M . -12.53 25.19 -4.81
C5A NAP M . -12.29 25.94 -3.72
C6A NAP M . -11.38 27.05 -3.37
N6A NAP M . -10.48 27.48 -4.24
N1A NAP M . -11.47 27.58 -2.15
C2A NAP M . -12.36 27.14 -1.25
N3A NAP M . -13.22 26.15 -1.48
C4A NAP M . -13.23 25.56 -2.70
O3 NAP M . -16.73 18.11 -3.72
PN NAP M . -17.57 16.75 -3.51
O1N NAP M . -18.72 17.07 -2.64
O2N NAP M . -17.75 16.11 -4.85
O5D NAP M . -16.47 15.87 -2.70
C5D NAP M . -16.20 16.10 -1.32
C4D NAP M . -14.79 15.63 -1.02
O4D NAP M . -14.68 14.21 -1.31
C3D NAP M . -13.73 16.34 -1.87
O3D NAP M . -12.56 16.48 -1.07
C2D NAP M . -13.48 15.34 -2.98
O2D NAP M . -12.20 15.47 -3.65
C1D NAP M . -13.67 14.03 -2.27
N1N NAP M . -14.07 12.98 -3.25
C2N NAP M . -15.26 13.04 -3.86
C3N NAP M . -15.64 12.10 -4.78
C7N NAP M . -16.98 12.11 -5.47
O7N NAP M . -17.24 11.13 -6.14
N7N NAP M . -17.81 13.17 -5.39
C4N NAP M . -14.76 11.04 -5.08
C5N NAP M . -13.53 10.99 -4.44
C6N NAP M . -13.19 11.98 -3.51
P2B NAP M . -18.10 26.58 -3.13
O1X NAP M . -17.24 27.45 -4.00
O2X NAP M . -18.57 27.30 -1.92
O3X NAP M . -19.16 25.82 -3.86
N1 JUO N . -12.91 11.12 -8.98
C2 JUO N . -11.84 11.23 -8.16
N3 JUO N . -11.76 12.20 -7.22
C4 JUO N . -12.76 13.11 -7.09
C5 JUO N . -13.89 13.03 -7.92
C6 JUO N . -13.94 11.99 -8.87
NAA JUO N . -16.98 14.85 -8.42
NAB JUO N . -10.83 10.35 -8.28
CAC JUO N . -15.97 14.53 -8.02
CAD JUO N . -14.05 14.76 -6.51
CAE JUO N . -14.90 9.93 -11.22
CAF JUO N . -16.96 10.39 -9.38
CAG JUO N . -14.69 11.41 -11.17
CAH JUO N . -16.38 11.79 -9.31
NAK JUO N . -12.91 14.16 -6.26
SAL JUO N . -16.66 9.54 -10.97
CAN JUO N . -14.68 14.13 -7.51
NAR JUO N . -15.00 11.78 -9.77
#